data_9GTL
#
_entry.id   9GTL
#
_cell.length_a   94.315
_cell.length_b   102.670
_cell.length_c   126.808
_cell.angle_alpha   90.00
_cell.angle_beta   90.00
_cell.angle_gamma   90.00
#
_symmetry.space_group_name_H-M   'P 21 21 21'
#
loop_
_entity.id
_entity.type
_entity.pdbx_description
1 polymer 'Lysosomal alpha-glucosidase'
2 branched beta-D-mannopyranose-(1-4)-2-acetamido-2-deoxy-beta-D-glucopyranose-(1-4)-2-acetamido-2-deoxy-beta-D-glucopyranose
3 branched 2-acetamido-2-deoxy-beta-D-glucopyranose-(1-4)-2-acetamido-2-deoxy-beta-D-glucopyranose
4 branched alpha-D-mannopyranose-(1-3)-beta-D-mannopyranose-(1-4)-2-acetamido-2-deoxy-beta-D-glucopyranose-(1-4)-2-acetamido-2-deoxy-beta-D-glucopyranose
5 branched 2-acetamido-2-deoxy-beta-D-glucopyranose-(1-4)-[alpha-L-fucopyranose-(1-6)]2-acetamido-2-deoxy-beta-D-glucopyranose
6 non-polymer (2~{R},3~{R},4~{R},5~{S})-2-(hydroxymethyl)-2-(3-phenylpropyl)piperidine-3,4,5-triol
7 non-polymer 'SULFATE ION'
8 non-polymer 'CHLORIDE ION'
9 non-polymer 1,2-ETHANEDIOL
10 non-polymer DI(HYDROXYETHYL)ETHER
11 non-polymer 'TRIETHYLENE GLYCOL'
12 non-polymer GLYCEROL
13 water water
#
_entity_poly.entity_id   1
_entity_poly.type   'polypeptide(L)'
_entity_poly.pdbx_seq_one_letter_code
;MGVRHPPCSHRLLAVCALVSLATAALLGHILLHDFLLVPRELSGSSPVLEETHPAHQQGASRPGPRDAQAHPGRPRAVPT
QCDVPPNSRFDCAPDKAITQEQCEARGCCYIPAKQGLQGAQMGQPWCFFPPSYPSYKLENLSSSEMGYTATLTRTTPTFF
PKDILTLRLDVMMETENRLHFTIKDPANRRYEVPLETPRVHSRAPSPLYSVEFSEEPFGVIVHRQLDGRVLLNTTVAPLF
FADQFLQLSTSLPSQYITGLAEHLSPLMLSTSWTRITLWNRDLAPTPGANLYGSHPFYLALEDGGSAHGVFLLNSNAMDV
VLQPSPALSWRSTGGILDVYIFLGPEPKSVVQQYLDVVGYPFMPPYWGLGFHLCRWGYSSTAITRQVVENMTRAHFPLDV
QWNDLDYMDSRRDFTFNKDGFRDFPAMVQELHQGGRRYMMIVDPAISSSGPAGSYRPYDEGLRRGVFITNETGQPLIGKV
WPGSTAFPDFTNPTALAWWEDMVAEFHDQVPFDGMWIDMNEPSNFIRGSEDGCPNNELENPPYVPGVVGGTLQAATICAS
SHQFLSTHYNLHNLYGLTEAIASHRALVKARGTRPFVISRSTFAGHGRYAGHWTGDVWSSWEQLASSVPEILQFNLLGVP
LVGADVCGFLGNTSEELCVRWTQLGAFYPFMRNHNSLLSLPQEPYSFSEPAQQAMRKALTLRYALLPHLYTLFHQAHVAG
ETVARPLFLEFPKDSSTWTVDHQLLWGEALLITPVLQAGKAEVTGYFPLGTWYDLQTVPIEALGSLPPPPAAPREPAIHS
EGQWVTLPAPLDTINVHLRAGYIIPLQGPGLTTTESRQQPMALAVALTKGGEARGELFWDDGESLEVLERGAYTQVIFLA
RNNTIVNELVRVTSEGAGLQLQKVTVLGVATAPQQVLSNGVPVSNFTYSPDTKVLDI(CSO)VSLLMGEQFLVSWC
;
_entity_poly.pdbx_strand_id   A
#
# COMPACT_ATOMS: atom_id res chain seq x y z
N GLN A 81 -41.16 16.91 7.17
CA GLN A 81 -40.84 16.65 5.73
C GLN A 81 -39.45 17.19 5.38
N CYS A 82 -39.13 18.40 5.82
CA CYS A 82 -37.73 18.93 5.85
C CYS A 82 -37.18 18.77 7.27
N ASP A 83 -37.91 18.10 8.15
CA ASP A 83 -37.49 17.74 9.53
C ASP A 83 -36.56 16.53 9.44
N VAL A 84 -35.37 16.72 8.87
CA VAL A 84 -34.33 15.65 8.76
C VAL A 84 -33.28 15.95 9.82
N PRO A 85 -32.94 14.95 10.67
CA PRO A 85 -31.87 15.13 11.66
C PRO A 85 -30.62 15.65 10.96
N PRO A 86 -29.97 16.68 11.54
CA PRO A 86 -28.80 17.32 10.90
C PRO A 86 -27.71 16.38 10.35
N ASN A 87 -27.38 15.32 11.08
CA ASN A 87 -26.28 14.38 10.72
C ASN A 87 -26.68 13.53 9.51
N SER A 88 -27.98 13.47 9.21
CA SER A 88 -28.58 12.60 8.17
C SER A 88 -28.98 13.44 6.95
N ARG A 89 -28.55 14.69 6.90
CA ARG A 89 -28.84 15.57 5.75
C ARG A 89 -27.81 15.32 4.67
N PHE A 90 -28.28 14.95 3.49
CA PHE A 90 -27.44 14.72 2.29
C PHE A 90 -27.51 15.98 1.41
N ASP A 91 -26.35 16.42 0.96
CA ASP A 91 -26.13 17.72 0.27
C ASP A 91 -26.86 17.73 -1.08
N CYS A 92 -27.76 18.69 -1.28
CA CYS A 92 -28.52 18.90 -2.54
C CYS A 92 -27.89 19.98 -3.42
N ALA A 93 -26.76 20.55 -3.00
CA ALA A 93 -25.98 21.55 -3.77
C ALA A 93 -24.50 21.21 -3.70
N PRO A 94 -24.09 19.97 -4.01
CA PRO A 94 -22.67 19.63 -4.04
C PRO A 94 -21.94 20.30 -5.21
N ASP A 95 -22.71 20.76 -6.21
CA ASP A 95 -22.19 21.30 -7.51
C ASP A 95 -21.83 22.78 -7.39
N LYS A 96 -22.53 23.55 -6.57
CA LYS A 96 -22.33 25.03 -6.51
C LYS A 96 -22.92 25.59 -5.22
N ALA A 97 -22.41 26.74 -4.78
CA ALA A 97 -23.03 27.59 -3.75
C ALA A 97 -24.44 27.94 -4.24
N ILE A 98 -25.44 27.77 -3.38
CA ILE A 98 -26.86 27.86 -3.76
C ILE A 98 -27.56 28.84 -2.80
N THR A 99 -28.65 29.47 -3.26
CA THR A 99 -29.54 30.37 -2.47
C THR A 99 -30.73 29.55 -1.95
N GLN A 100 -31.44 30.05 -0.94
CA GLN A 100 -32.64 29.36 -0.44
C GLN A 100 -33.64 29.15 -1.59
N GLU A 101 -33.76 30.14 -2.49
CA GLU A 101 -34.77 30.14 -3.59
C GLU A 101 -34.44 29.01 -4.55
N GLN A 102 -33.19 28.97 -5.02
CA GLN A 102 -32.62 27.96 -5.94
C GLN A 102 -32.67 26.56 -5.30
N CYS A 103 -32.36 26.46 -4.01
CA CYS A 103 -32.41 25.21 -3.24
C CYS A 103 -33.83 24.67 -3.29
N GLU A 104 -34.81 25.51 -2.97
CA GLU A 104 -36.24 25.11 -2.94
C GLU A 104 -36.74 24.88 -4.37
N ALA A 105 -36.08 25.48 -5.37
CA ALA A 105 -36.42 25.30 -6.80
C ALA A 105 -36.02 23.87 -7.22
N ARG A 106 -34.93 23.33 -6.65
CA ARG A 106 -34.47 21.96 -6.98
C ARG A 106 -35.40 20.91 -6.33
N GLY A 107 -36.32 21.34 -5.48
CA GLY A 107 -37.18 20.45 -4.65
C GLY A 107 -36.50 20.06 -3.34
N CYS A 108 -35.52 20.85 -2.90
CA CYS A 108 -34.69 20.54 -1.70
C CYS A 108 -35.01 21.49 -0.55
N CYS A 109 -34.67 21.06 0.67
CA CYS A 109 -34.82 21.77 1.96
C CYS A 109 -33.63 22.71 2.20
N TYR A 110 -33.92 23.92 2.68
CA TYR A 110 -32.90 24.94 3.04
C TYR A 110 -33.06 25.25 4.51
N ILE A 111 -32.12 24.76 5.32
CA ILE A 111 -31.99 25.09 6.77
C ILE A 111 -30.52 25.33 7.06
N PRO A 112 -30.11 26.58 7.36
CA PRO A 112 -28.73 26.85 7.75
C PRO A 112 -28.32 25.97 8.95
N ALA A 113 -27.14 25.36 8.88
CA ALA A 113 -26.55 24.56 9.97
C ALA A 113 -26.36 25.49 11.17
N LYS A 114 -26.53 24.97 12.38
CA LYS A 114 -26.39 25.75 13.65
C LYS A 114 -25.01 25.51 14.27
N GLY A 123 -18.86 21.19 5.96
CA GLY A 123 -19.74 20.91 7.12
C GLY A 123 -21.11 20.42 6.68
N GLN A 124 -22.03 20.30 7.62
CA GLN A 124 -23.44 19.95 7.35
C GLN A 124 -23.98 20.83 6.21
N PRO A 125 -24.60 20.23 5.17
CA PRO A 125 -25.14 21.01 4.06
C PRO A 125 -26.38 21.83 4.48
N TRP A 126 -26.47 23.07 4.00
CA TRP A 126 -27.63 23.96 4.26
C TRP A 126 -28.80 23.56 3.36
N CYS A 127 -28.46 23.13 2.13
CA CYS A 127 -29.42 22.64 1.11
C CYS A 127 -29.36 21.12 1.06
N PHE A 128 -30.42 20.42 1.46
CA PHE A 128 -30.42 18.94 1.58
C PHE A 128 -31.71 18.34 1.03
N PHE A 129 -31.65 17.05 0.68
CA PHE A 129 -32.78 16.28 0.11
C PHE A 129 -33.80 15.99 1.19
N PRO A 130 -35.10 16.23 0.92
CA PRO A 130 -36.17 15.67 1.74
C PRO A 130 -36.23 14.18 1.44
N PRO A 131 -36.84 13.38 2.34
CA PRO A 131 -37.06 11.96 2.08
C PRO A 131 -37.83 11.66 0.78
N SER A 132 -38.57 12.63 0.22
CA SER A 132 -39.40 12.47 -1.00
C SER A 132 -38.68 12.96 -2.26
N TYR A 133 -37.41 13.40 -2.19
CA TYR A 133 -36.70 13.88 -3.39
C TYR A 133 -36.70 12.75 -4.42
N PRO A 134 -36.94 13.03 -5.73
CA PRO A 134 -37.03 11.96 -6.71
C PRO A 134 -35.71 11.20 -6.88
N SER A 135 -35.79 9.87 -6.76
CA SER A 135 -34.69 8.92 -7.00
C SER A 135 -35.08 8.08 -8.22
N TYR A 136 -34.58 6.86 -8.29
CA TYR A 136 -35.03 5.84 -9.26
C TYR A 136 -36.02 4.92 -8.54
N LYS A 137 -36.90 4.31 -9.32
CA LYS A 137 -37.85 3.29 -8.84
C LYS A 137 -37.39 1.93 -9.38
N LEU A 138 -37.39 0.93 -8.51
CA LEU A 138 -37.09 -0.48 -8.86
C LEU A 138 -38.31 -1.04 -9.58
N GLU A 139 -38.09 -1.70 -10.72
CA GLU A 139 -39.16 -2.29 -11.57
C GLU A 139 -38.69 -3.63 -12.11
N ASN A 140 -39.62 -4.58 -12.25
CA ASN A 140 -39.43 -5.86 -12.97
C ASN A 140 -38.25 -6.59 -12.32
N LEU A 141 -38.23 -6.65 -10.99
CA LEU A 141 -37.22 -7.44 -10.24
C LEU A 141 -37.49 -8.93 -10.52
N SER A 142 -36.44 -9.68 -10.83
CA SER A 142 -36.55 -11.14 -11.02
C SER A 142 -35.27 -11.81 -10.48
N SER A 143 -35.40 -13.07 -10.10
CA SER A 143 -34.32 -13.91 -9.53
C SER A 143 -33.84 -14.87 -10.61
N SER A 144 -32.58 -15.29 -10.54
CA SER A 144 -31.99 -16.38 -11.37
C SER A 144 -30.95 -17.12 -10.54
N GLU A 145 -30.30 -18.14 -11.14
CA GLU A 145 -29.18 -18.91 -10.55
C GLU A 145 -28.03 -17.94 -10.20
N MET A 146 -27.80 -16.89 -11.01
CA MET A 146 -26.67 -15.92 -10.77
C MET A 146 -27.02 -14.95 -9.63
N GLY A 147 -28.26 -14.45 -9.58
CA GLY A 147 -28.74 -13.57 -8.50
C GLY A 147 -30.03 -12.85 -8.88
N TYR A 148 -29.99 -11.52 -8.97
CA TYR A 148 -31.18 -10.67 -9.25
C TYR A 148 -30.88 -9.75 -10.42
N THR A 149 -31.92 -9.44 -11.21
N THR A 149 -31.92 -9.40 -11.18
CA THR A 149 -31.88 -8.34 -12.22
CA THR A 149 -31.87 -8.33 -12.21
C THR A 149 -33.15 -7.48 -12.08
C THR A 149 -33.15 -7.50 -12.11
N ALA A 150 -33.04 -6.21 -12.46
CA ALA A 150 -34.16 -5.26 -12.39
C ALA A 150 -33.87 -4.05 -13.26
N THR A 151 -34.92 -3.28 -13.50
CA THR A 151 -34.86 -1.99 -14.20
C THR A 151 -34.98 -0.93 -13.12
N LEU A 152 -34.17 0.12 -13.21
CA LEU A 152 -34.31 1.33 -12.39
C LEU A 152 -34.78 2.46 -13.31
N THR A 153 -35.86 3.13 -12.94
CA THR A 153 -36.44 4.23 -13.73
C THR A 153 -36.49 5.51 -12.90
N ARG A 154 -35.90 6.57 -13.44
CA ARG A 154 -36.07 7.93 -12.92
C ARG A 154 -37.11 8.64 -13.81
N THR A 155 -38.10 9.28 -13.19
CA THR A 155 -39.21 9.99 -13.87
CA THR A 155 -39.19 10.00 -13.92
C THR A 155 -38.95 11.51 -13.87
N THR A 156 -38.40 12.03 -12.78
CA THR A 156 -38.09 13.48 -12.61
C THR A 156 -36.58 13.71 -12.76
N PRO A 157 -36.13 14.49 -13.78
CA PRO A 157 -34.70 14.78 -13.94
C PRO A 157 -34.09 15.41 -12.69
N THR A 158 -32.79 15.22 -12.50
CA THR A 158 -32.00 15.91 -11.46
C THR A 158 -31.58 17.28 -12.00
N PHE A 159 -30.80 18.02 -11.23
CA PHE A 159 -30.24 19.31 -11.66
C PHE A 159 -28.93 19.10 -12.40
N PHE A 160 -28.51 17.86 -12.71
CA PHE A 160 -27.34 17.61 -13.58
C PHE A 160 -27.81 17.35 -15.00
N PRO A 161 -26.99 17.69 -16.00
CA PRO A 161 -27.28 17.31 -17.37
C PRO A 161 -27.14 15.80 -17.60
N LYS A 162 -27.88 15.30 -18.60
CA LYS A 162 -27.70 13.96 -19.22
C LYS A 162 -27.93 12.87 -18.17
N ASP A 163 -29.00 13.00 -17.38
CA ASP A 163 -29.52 11.88 -16.56
C ASP A 163 -29.74 10.71 -17.50
N ILE A 164 -29.39 9.50 -17.06
CA ILE A 164 -29.74 8.24 -17.76
C ILE A 164 -30.96 7.67 -17.04
N LEU A 165 -32.14 7.79 -17.67
CA LEU A 165 -33.45 7.67 -16.97
C LEU A 165 -33.78 6.20 -16.74
N THR A 166 -33.29 5.31 -17.62
CA THR A 166 -33.46 3.85 -17.51
C THR A 166 -32.10 3.18 -17.27
N LEU A 167 -31.99 2.45 -16.16
CA LEU A 167 -30.76 1.71 -15.76
C LEU A 167 -31.13 0.24 -15.60
N ARG A 168 -30.10 -0.59 -15.68
CA ARG A 168 -30.20 -2.03 -15.39
C ARG A 168 -29.37 -2.30 -14.12
N LEU A 169 -29.98 -2.97 -13.14
CA LEU A 169 -29.35 -3.46 -11.89
C LEU A 169 -29.09 -4.96 -12.04
N ASP A 170 -27.86 -5.41 -11.74
CA ASP A 170 -27.48 -6.84 -11.74
C ASP A 170 -26.82 -7.15 -10.40
N VAL A 171 -27.44 -8.03 -9.62
CA VAL A 171 -26.90 -8.46 -8.30
C VAL A 171 -26.40 -9.89 -8.47
N MET A 172 -25.13 -10.11 -8.17
CA MET A 172 -24.45 -11.42 -8.34
CA MET A 172 -24.46 -11.42 -8.34
C MET A 172 -23.89 -11.90 -7.00
N MET A 173 -24.41 -13.04 -6.54
CA MET A 173 -23.91 -13.74 -5.33
C MET A 173 -22.75 -14.64 -5.77
N GLU A 174 -21.51 -14.15 -5.72
CA GLU A 174 -20.38 -14.76 -6.45
C GLU A 174 -19.75 -15.82 -5.56
N THR A 175 -19.59 -15.56 -4.27
CA THR A 175 -19.12 -16.53 -3.28
C THR A 175 -19.87 -16.32 -1.96
N GLU A 176 -19.59 -17.18 -0.98
CA GLU A 176 -20.21 -17.10 0.36
CA GLU A 176 -20.20 -17.11 0.36
C GLU A 176 -19.83 -15.77 1.01
N ASN A 177 -18.71 -15.17 0.59
N ASN A 177 -18.72 -15.14 0.61
CA ASN A 177 -18.14 -13.96 1.23
CA ASN A 177 -18.24 -13.90 1.28
C ASN A 177 -18.29 -12.72 0.33
C ASN A 177 -18.22 -12.71 0.31
N ARG A 178 -18.54 -12.91 -0.97
CA ARG A 178 -18.49 -11.79 -1.95
C ARG A 178 -19.83 -11.57 -2.64
N LEU A 179 -20.43 -10.41 -2.40
CA LEU A 179 -21.64 -9.93 -3.11
C LEU A 179 -21.21 -8.83 -4.09
N HIS A 180 -21.71 -8.90 -5.31
CA HIS A 180 -21.28 -8.03 -6.44
C HIS A 180 -22.53 -7.47 -7.11
N PHE A 181 -22.65 -6.15 -7.24
CA PHE A 181 -23.81 -5.58 -7.98
C PHE A 181 -23.33 -4.47 -8.92
N THR A 182 -23.96 -4.37 -10.07
CA THR A 182 -23.68 -3.31 -11.06
C THR A 182 -24.96 -2.56 -11.39
N ILE A 183 -24.80 -1.28 -11.64
CA ILE A 183 -25.84 -0.39 -12.21
C ILE A 183 -25.24 0.24 -13.48
N LYS A 184 -25.83 -0.08 -14.62
CA LYS A 184 -25.32 0.25 -15.95
C LYS A 184 -26.44 0.86 -16.79
N ASP A 185 -26.05 1.44 -17.91
CA ASP A 185 -27.00 1.91 -18.94
C ASP A 185 -27.20 0.75 -19.90
N PRO A 186 -28.41 0.13 -19.94
CA PRO A 186 -28.65 -0.99 -20.86
C PRO A 186 -28.57 -0.58 -22.35
N ALA A 187 -28.67 0.72 -22.65
CA ALA A 187 -28.73 1.25 -24.04
C ALA A 187 -27.33 1.53 -24.59
N ASN A 188 -26.31 1.73 -23.74
CA ASN A 188 -24.97 2.16 -24.22
C ASN A 188 -23.88 1.55 -23.33
N ARG A 189 -22.85 1.05 -23.97
CA ARG A 189 -21.64 0.57 -23.26
C ARG A 189 -20.98 1.83 -22.70
N ARG A 190 -20.82 1.89 -21.39
CA ARG A 190 -20.14 3.02 -20.72
C ARG A 190 -18.77 2.53 -20.33
N TYR A 191 -17.85 3.44 -20.07
CA TYR A 191 -16.46 3.12 -19.71
C TYR A 191 -16.47 2.21 -18.46
N GLU A 192 -15.67 1.16 -18.51
CA GLU A 192 -15.50 0.20 -17.39
C GLU A 192 -14.01 -0.01 -17.20
N VAL A 193 -13.59 -0.07 -15.95
CA VAL A 193 -12.16 -0.25 -15.59
C VAL A 193 -11.73 -1.60 -16.16
N PRO A 194 -10.65 -1.65 -16.97
CA PRO A 194 -10.13 -2.92 -17.47
C PRO A 194 -9.34 -3.65 -16.39
N LEU A 195 -9.98 -4.51 -15.59
CA LEU A 195 -9.36 -5.36 -14.53
C LEU A 195 -9.85 -6.81 -14.72
N GLU A 196 -8.94 -7.79 -14.57
CA GLU A 196 -9.26 -9.25 -14.46
C GLU A 196 -10.04 -9.51 -13.16
N THR A 197 -11.12 -10.29 -13.22
CA THR A 197 -12.00 -10.61 -12.07
C THR A 197 -12.38 -12.10 -12.11
N PRO A 207 -24.32 -18.26 2.48
CA PRO A 207 -23.50 -17.05 2.35
C PRO A 207 -23.59 -16.22 3.63
N LEU A 208 -22.61 -15.36 3.84
CA LEU A 208 -22.50 -14.53 5.07
C LEU A 208 -23.42 -13.32 4.97
N TYR A 209 -23.95 -13.04 3.78
CA TYR A 209 -24.79 -11.85 3.47
C TYR A 209 -26.20 -12.29 3.10
N SER A 210 -27.18 -11.40 3.32
CA SER A 210 -28.55 -11.51 2.75
C SER A 210 -28.89 -10.16 2.11
N VAL A 211 -29.73 -10.17 1.08
CA VAL A 211 -29.99 -8.94 0.27
C VAL A 211 -31.50 -8.70 0.20
N GLU A 212 -31.93 -7.44 0.34
CA GLU A 212 -33.33 -6.99 0.10
C GLU A 212 -33.26 -5.63 -0.61
N PHE A 213 -34.37 -5.16 -1.15
CA PHE A 213 -34.41 -3.94 -1.96
C PHE A 213 -35.55 -3.05 -1.52
N SER A 214 -35.33 -1.73 -1.57
N SER A 214 -35.33 -1.74 -1.56
CA SER A 214 -36.39 -0.69 -1.49
CA SER A 214 -36.40 -0.70 -1.48
C SER A 214 -36.88 -0.39 -2.91
C SER A 214 -36.89 -0.40 -2.90
N GLU A 215 -38.20 -0.27 -3.09
CA GLU A 215 -38.81 0.01 -4.41
C GLU A 215 -38.61 1.50 -4.78
N GLU A 216 -39.03 2.40 -3.90
CA GLU A 216 -39.15 3.85 -4.20
C GLU A 216 -39.08 4.65 -2.90
N PRO A 217 -37.99 5.41 -2.64
CA PRO A 217 -36.83 5.46 -3.54
C PRO A 217 -36.06 4.12 -3.56
N PHE A 218 -35.41 3.83 -4.70
CA PHE A 218 -34.62 2.60 -4.89
C PHE A 218 -33.47 2.54 -3.89
N GLY A 219 -33.28 1.36 -3.30
CA GLY A 219 -32.10 1.04 -2.47
C GLY A 219 -31.77 -0.44 -2.45
N VAL A 220 -30.49 -0.76 -2.36
CA VAL A 220 -29.94 -2.13 -2.12
C VAL A 220 -29.63 -2.20 -0.64
N ILE A 221 -30.10 -3.24 0.03
CA ILE A 221 -29.87 -3.42 1.49
C ILE A 221 -29.17 -4.76 1.68
N VAL A 222 -28.03 -4.74 2.36
CA VAL A 222 -27.22 -5.97 2.62
C VAL A 222 -27.12 -6.15 4.13
N HIS A 223 -27.68 -7.25 4.63
CA HIS A 223 -27.51 -7.70 6.04
C HIS A 223 -26.36 -8.70 6.15
N ARG A 224 -25.70 -8.72 7.29
CA ARG A 224 -24.87 -9.86 7.77
C ARG A 224 -25.84 -10.97 8.25
N GLN A 225 -25.84 -12.14 7.60
CA GLN A 225 -26.77 -13.26 7.92
C GLN A 225 -26.61 -13.64 9.40
N LEU A 226 -25.38 -13.77 9.91
CA LEU A 226 -25.11 -14.32 11.26
C LEU A 226 -25.89 -13.54 12.33
N ASP A 227 -25.91 -12.19 12.26
CA ASP A 227 -26.45 -11.35 13.37
C ASP A 227 -27.56 -10.41 12.86
N GLY A 228 -27.87 -10.41 11.56
CA GLY A 228 -28.96 -9.60 10.98
C GLY A 228 -28.60 -8.11 10.83
N ARG A 229 -27.38 -7.70 11.18
CA ARG A 229 -26.97 -6.28 11.17
C ARG A 229 -26.95 -5.75 9.72
N VAL A 230 -27.37 -4.50 9.56
CA VAL A 230 -27.43 -3.81 8.24
C VAL A 230 -26.05 -3.23 7.91
N LEU A 231 -25.45 -3.66 6.81
CA LEU A 231 -24.07 -3.26 6.45
C LEU A 231 -24.12 -2.20 5.36
N LEU A 232 -24.91 -2.46 4.33
CA LEU A 232 -25.17 -1.51 3.22
C LEU A 232 -26.66 -1.19 3.19
N ASN A 233 -27.00 0.07 2.98
CA ASN A 233 -28.39 0.53 2.76
C ASN A 233 -28.37 1.78 1.86
N THR A 234 -28.59 1.62 0.56
CA THR A 234 -28.42 2.71 -0.43
C THR A 234 -29.73 3.50 -0.54
N THR A 235 -30.73 3.17 0.28
CA THR A 235 -32.03 3.88 0.33
C THR A 235 -31.87 5.24 1.01
N VAL A 236 -30.77 5.48 1.74
CA VAL A 236 -30.59 6.68 2.61
C VAL A 236 -30.60 7.98 1.79
N ALA A 237 -30.23 7.94 0.52
CA ALA A 237 -30.19 9.16 -0.33
C ALA A 237 -30.50 8.78 -1.78
N PRO A 238 -30.88 9.76 -2.63
CA PRO A 238 -31.29 9.45 -3.98
C PRO A 238 -30.12 8.83 -4.75
N LEU A 239 -30.44 8.01 -5.73
CA LEU A 239 -29.46 7.54 -6.73
C LEU A 239 -29.39 8.58 -7.85
N PHE A 240 -28.17 9.06 -8.15
CA PHE A 240 -27.88 9.93 -9.31
C PHE A 240 -27.11 9.10 -10.31
N PHE A 241 -27.54 9.14 -11.56
CA PHE A 241 -26.82 8.43 -12.63
C PHE A 241 -26.99 9.25 -13.90
N ALA A 242 -26.11 10.24 -14.01
CA ALA A 242 -26.01 11.11 -15.17
C ALA A 242 -24.67 10.84 -15.83
N ASP A 243 -24.55 11.16 -17.11
CA ASP A 243 -23.36 10.80 -17.93
C ASP A 243 -22.06 11.13 -17.18
N GLN A 244 -21.98 12.28 -16.48
CA GLN A 244 -20.74 12.72 -15.81
C GLN A 244 -20.97 12.93 -14.31
N PHE A 245 -21.97 12.29 -13.74
CA PHE A 245 -22.23 12.36 -12.29
C PHE A 245 -23.04 11.15 -11.84
N LEU A 246 -22.36 10.27 -11.11
CA LEU A 246 -22.95 9.11 -10.40
C LEU A 246 -22.88 9.43 -8.91
N GLN A 247 -23.96 9.22 -8.19
CA GLN A 247 -23.91 9.29 -6.72
C GLN A 247 -24.73 8.15 -6.15
N LEU A 248 -24.11 7.41 -5.22
CA LEU A 248 -24.68 6.28 -4.47
C LEU A 248 -24.23 6.46 -3.03
N SER A 249 -25.16 6.41 -2.09
CA SER A 249 -24.90 6.61 -0.64
C SER A 249 -25.28 5.34 0.12
N THR A 250 -24.78 5.19 1.34
CA THR A 250 -25.16 4.08 2.25
C THR A 250 -24.96 4.56 3.68
N SER A 251 -25.77 4.05 4.60
CA SER A 251 -25.44 4.05 6.04
C SER A 251 -24.16 3.23 6.22
N LEU A 252 -23.39 3.61 7.21
CA LEU A 252 -22.22 2.85 7.72
C LEU A 252 -22.61 2.20 9.04
N PRO A 253 -22.04 1.04 9.38
CA PRO A 253 -22.45 0.34 10.60
C PRO A 253 -21.89 0.95 11.90
N SER A 254 -20.95 1.89 11.78
CA SER A 254 -20.26 2.53 12.92
C SER A 254 -19.52 3.75 12.42
N GLN A 255 -18.88 4.47 13.34
CA GLN A 255 -18.07 5.67 13.03
C GLN A 255 -16.65 5.24 12.60
N TYR A 256 -16.37 3.94 12.49
CA TYR A 256 -15.00 3.43 12.24
C TYR A 256 -14.89 2.89 10.81
N ILE A 257 -14.13 3.61 9.98
CA ILE A 257 -13.95 3.27 8.55
C ILE A 257 -12.52 3.67 8.14
N THR A 258 -11.88 2.84 7.31
CA THR A 258 -10.50 3.07 6.84
C THR A 258 -10.42 2.78 5.34
N GLY A 259 -9.46 3.40 4.67
CA GLY A 259 -9.20 3.14 3.24
C GLY A 259 -9.23 4.42 2.45
N LEU A 260 -9.66 4.35 1.19
CA LEU A 260 -9.84 5.55 0.34
C LEU A 260 -8.53 6.35 0.26
N ALA A 261 -7.41 5.67 0.08
CA ALA A 261 -6.11 6.28 -0.25
C ALA A 261 -6.21 7.04 -1.59
N GLU A 262 -5.26 7.94 -1.87
CA GLU A 262 -4.11 8.24 -1.02
C GLU A 262 -4.26 9.66 -0.42
N HIS A 263 -4.27 9.73 0.91
CA HIS A 263 -4.46 10.97 1.69
C HIS A 263 -3.63 10.88 2.97
N LEU A 264 -3.12 12.02 3.42
CA LEU A 264 -2.39 12.14 4.71
C LEU A 264 -3.44 12.33 5.78
N SER A 265 -3.71 11.27 6.53
CA SER A 265 -4.77 11.27 7.54
C SER A 265 -4.58 10.09 8.49
N PRO A 266 -5.27 10.10 9.64
CA PRO A 266 -5.30 8.95 10.54
C PRO A 266 -5.83 7.73 9.79
N LEU A 267 -5.53 6.53 10.31
CA LEU A 267 -5.92 5.26 9.68
C LEU A 267 -7.46 5.19 9.62
N MET A 268 -8.13 5.64 10.68
CA MET A 268 -9.60 5.71 10.78
C MET A 268 -10.04 7.08 10.28
N LEU A 269 -10.83 7.15 9.23
CA LEU A 269 -11.16 8.44 8.59
C LEU A 269 -12.20 9.15 9.48
N SER A 270 -12.12 10.47 9.58
CA SER A 270 -13.14 11.31 10.27
C SER A 270 -14.46 11.27 9.49
N THR A 271 -15.56 10.95 10.16
CA THR A 271 -16.92 10.99 9.60
C THR A 271 -17.59 12.37 9.79
N SER A 272 -16.86 13.40 10.25
CA SER A 272 -17.41 14.79 10.46
C SER A 272 -17.42 15.57 9.15
N TRP A 273 -18.23 15.14 8.17
CA TRP A 273 -18.46 15.93 6.93
C TRP A 273 -17.14 16.04 6.17
N THR A 274 -16.49 14.90 5.96
CA THR A 274 -15.16 14.80 5.35
C THR A 274 -15.34 14.57 3.85
N ARG A 275 -14.69 15.36 3.01
CA ARG A 275 -14.63 15.10 1.56
C ARG A 275 -13.26 14.54 1.20
N ILE A 276 -13.21 13.34 0.63
CA ILE A 276 -11.97 12.63 0.23
C ILE A 276 -11.95 12.51 -1.29
N THR A 277 -10.99 13.15 -1.93
CA THR A 277 -10.92 13.28 -3.41
C THR A 277 -9.90 12.27 -3.96
N LEU A 278 -10.35 11.45 -4.90
CA LEU A 278 -9.50 10.48 -5.61
C LEU A 278 -9.25 11.01 -7.04
N TRP A 279 -8.06 11.60 -7.23
CA TRP A 279 -7.57 12.15 -8.51
C TRP A 279 -6.05 12.25 -8.44
N ASN A 280 -5.35 11.29 -9.00
CA ASN A 280 -3.88 11.15 -8.87
C ASN A 280 -3.25 12.49 -9.21
N ARG A 281 -2.48 13.03 -8.27
CA ARG A 281 -1.96 14.42 -8.29
C ARG A 281 -0.56 14.42 -7.69
N ASP A 282 0.39 15.01 -8.41
CA ASP A 282 1.75 15.31 -7.91
C ASP A 282 1.66 16.45 -6.90
N LEU A 283 1.75 16.16 -5.61
CA LEU A 283 1.78 17.21 -4.56
C LEU A 283 2.41 16.62 -3.30
N ALA A 284 3.24 17.40 -2.60
CA ALA A 284 3.89 16.97 -1.34
C ALA A 284 2.80 16.62 -0.35
N PRO A 285 2.79 15.40 0.23
CA PRO A 285 1.75 14.98 1.16
C PRO A 285 1.41 16.09 2.17
N THR A 286 0.13 16.42 2.23
CA THR A 286 -0.47 17.49 3.07
C THR A 286 -1.93 17.08 3.30
N PRO A 287 -2.53 17.37 4.49
CA PRO A 287 -3.89 16.89 4.78
C PRO A 287 -4.96 17.49 3.85
N GLY A 288 -6.01 16.73 3.53
CA GLY A 288 -7.20 17.23 2.81
C GLY A 288 -6.95 17.40 1.32
N ALA A 289 -5.81 16.90 0.82
CA ALA A 289 -5.43 17.01 -0.61
C ALA A 289 -5.47 15.63 -1.27
N ASN A 290 -5.94 15.58 -2.50
CA ASN A 290 -5.79 14.39 -3.38
C ASN A 290 -4.29 14.19 -3.66
N LEU A 291 -3.73 13.05 -3.29
CA LEU A 291 -2.29 12.78 -3.49
C LEU A 291 -2.08 11.85 -4.69
N TYR A 292 -1.00 11.06 -4.68
CA TYR A 292 -0.42 10.43 -5.89
C TYR A 292 -1.32 9.31 -6.38
N GLY A 293 -2.08 8.66 -5.49
CA GLY A 293 -2.86 7.45 -5.82
C GLY A 293 -4.33 7.57 -5.44
N SER A 294 -5.13 6.62 -5.89
CA SER A 294 -6.60 6.54 -5.69
C SER A 294 -6.98 5.07 -5.47
N HIS A 295 -7.55 4.74 -4.32
CA HIS A 295 -7.99 3.38 -3.96
C HIS A 295 -9.43 3.44 -3.45
N PRO A 296 -10.44 3.26 -4.33
CA PRO A 296 -11.84 3.39 -3.94
C PRO A 296 -12.34 2.15 -3.20
N PHE A 297 -11.72 1.88 -2.06
CA PHE A 297 -12.09 0.76 -1.18
C PHE A 297 -12.17 1.27 0.24
N TYR A 298 -13.13 0.77 1.02
CA TYR A 298 -13.18 1.04 2.48
C TYR A 298 -13.47 -0.26 3.21
N LEU A 299 -12.90 -0.33 4.40
CA LEU A 299 -13.19 -1.37 5.41
C LEU A 299 -13.92 -0.69 6.57
N ALA A 300 -15.08 -1.21 6.94
CA ALA A 300 -15.95 -0.62 7.98
C ALA A 300 -16.02 -1.60 9.15
N LEU A 301 -15.71 -1.13 10.35
CA LEU A 301 -15.83 -1.94 11.59
C LEU A 301 -17.28 -1.95 12.09
N GLU A 302 -17.73 -3.10 12.59
CA GLU A 302 -19.07 -3.30 13.22
C GLU A 302 -18.85 -3.55 14.72
N ASP A 303 -19.81 -3.13 15.55
CA ASP A 303 -19.76 -3.33 17.02
C ASP A 303 -19.46 -4.80 17.29
N GLY A 304 -18.48 -5.11 18.15
CA GLY A 304 -18.11 -6.50 18.44
C GLY A 304 -16.90 -7.01 17.64
N GLY A 305 -16.42 -6.25 16.65
CA GLY A 305 -15.12 -6.50 15.99
C GLY A 305 -15.24 -7.23 14.65
N SER A 306 -16.44 -7.59 14.22
CA SER A 306 -16.69 -7.99 12.81
C SER A 306 -16.43 -6.78 11.90
N ALA A 307 -16.36 -7.01 10.59
CA ALA A 307 -16.08 -5.96 9.59
C ALA A 307 -16.52 -6.41 8.22
N HIS A 308 -16.70 -5.45 7.32
CA HIS A 308 -16.98 -5.69 5.89
C HIS A 308 -16.21 -4.66 5.07
N GLY A 309 -16.01 -4.97 3.80
CA GLY A 309 -15.33 -4.07 2.88
C GLY A 309 -16.24 -3.76 1.72
N VAL A 310 -16.06 -2.59 1.13
CA VAL A 310 -16.75 -2.18 -0.11
C VAL A 310 -15.72 -1.64 -1.08
N PHE A 311 -15.75 -2.16 -2.28
CA PHE A 311 -14.92 -1.72 -3.40
C PHE A 311 -15.83 -1.16 -4.49
N LEU A 312 -15.62 0.09 -4.86
CA LEU A 312 -16.28 0.68 -6.06
C LEU A 312 -15.27 0.63 -7.21
N LEU A 313 -15.49 -0.29 -8.15
CA LEU A 313 -14.58 -0.48 -9.30
C LEU A 313 -14.86 0.64 -10.31
N ASN A 314 -14.30 1.82 -10.05
CA ASN A 314 -14.53 3.06 -10.82
C ASN A 314 -13.23 3.86 -10.77
N SER A 315 -12.68 4.26 -11.91
CA SER A 315 -11.35 4.92 -11.99
C SER A 315 -11.49 6.40 -12.33
N ASN A 316 -12.72 6.91 -12.40
CA ASN A 316 -12.96 8.35 -12.69
C ASN A 316 -12.63 9.18 -11.45
N ALA A 317 -12.30 10.45 -11.67
CA ALA A 317 -12.20 11.46 -10.62
C ALA A 317 -13.43 11.34 -9.74
N MET A 318 -13.26 11.28 -8.43
CA MET A 318 -14.43 11.11 -7.52
C MET A 318 -14.17 11.74 -6.16
N ASP A 319 -15.24 12.20 -5.53
CA ASP A 319 -15.31 12.51 -4.09
C ASP A 319 -16.02 11.38 -3.38
N VAL A 320 -15.56 11.10 -2.16
CA VAL A 320 -16.25 10.21 -1.20
C VAL A 320 -16.53 11.07 0.02
N VAL A 321 -17.81 11.24 0.36
CA VAL A 321 -18.23 12.17 1.44
C VAL A 321 -18.72 11.34 2.62
N LEU A 322 -18.10 11.52 3.77
CA LEU A 322 -18.47 10.85 5.05
C LEU A 322 -19.20 11.87 5.95
N GLN A 323 -20.30 11.44 6.56
CA GLN A 323 -21.07 12.28 7.50
C GLN A 323 -21.41 11.48 8.74
N PRO A 324 -21.64 12.16 9.89
CA PRO A 324 -21.61 11.49 11.18
C PRO A 324 -22.87 10.70 11.59
N SER A 325 -23.79 10.44 10.67
CA SER A 325 -25.07 9.75 10.97
C SER A 325 -24.87 8.33 11.52
N PRO A 326 -23.90 7.48 11.08
CA PRO A 326 -22.93 7.76 10.02
C PRO A 326 -23.29 7.20 8.63
N ALA A 327 -22.75 7.78 7.56
CA ALA A 327 -23.08 7.43 6.17
C ALA A 327 -21.96 7.89 5.25
N LEU A 328 -21.97 7.35 4.03
CA LEU A 328 -20.97 7.61 2.99
C LEU A 328 -21.70 7.86 1.68
N SER A 329 -21.15 8.73 0.83
CA SER A 329 -21.60 8.99 -0.56
C SER A 329 -20.43 8.86 -1.51
N TRP A 330 -20.55 7.98 -2.50
CA TRP A 330 -19.66 7.91 -3.67
C TRP A 330 -20.17 8.91 -4.70
N ARG A 331 -19.33 9.85 -5.13
CA ARG A 331 -19.65 10.81 -6.21
C ARG A 331 -18.60 10.73 -7.30
N SER A 332 -18.86 9.97 -8.35
CA SER A 332 -17.91 9.80 -9.48
C SER A 332 -18.34 10.67 -10.67
N THR A 333 -17.37 11.02 -11.52
CA THR A 333 -17.55 11.90 -12.70
C THR A 333 -17.71 11.08 -13.98
N GLY A 334 -17.78 9.74 -13.88
CA GLY A 334 -18.08 8.90 -15.05
C GLY A 334 -18.20 7.42 -14.74
N GLY A 335 -18.13 6.61 -15.79
CA GLY A 335 -18.16 5.14 -15.70
C GLY A 335 -19.51 4.63 -15.20
N ILE A 336 -19.50 3.52 -14.48
CA ILE A 336 -20.74 2.84 -13.99
C ILE A 336 -20.56 2.63 -12.50
N LEU A 337 -21.63 2.23 -11.82
CA LEU A 337 -21.53 1.76 -10.42
C LEU A 337 -21.27 0.27 -10.44
N ASP A 338 -20.05 -0.11 -10.08
CA ASP A 338 -19.60 -1.52 -10.02
C ASP A 338 -19.11 -1.79 -8.60
N VAL A 339 -19.95 -2.43 -7.78
CA VAL A 339 -19.78 -2.48 -6.31
C VAL A 339 -19.58 -3.92 -5.86
N TYR A 340 -18.51 -4.14 -5.11
CA TYR A 340 -18.19 -5.41 -4.43
C TYR A 340 -18.35 -5.20 -2.92
N ILE A 341 -19.02 -6.13 -2.25
CA ILE A 341 -19.12 -6.18 -0.77
C ILE A 341 -18.46 -7.46 -0.28
N PHE A 342 -17.51 -7.34 0.65
CA PHE A 342 -16.72 -8.44 1.25
C PHE A 342 -17.14 -8.59 2.71
N LEU A 343 -17.65 -9.77 3.10
CA LEU A 343 -18.36 -10.00 4.38
C LEU A 343 -17.42 -10.37 5.54
N GLY A 344 -16.12 -10.56 5.30
CA GLY A 344 -15.19 -10.87 6.41
C GLY A 344 -15.50 -12.26 6.99
N PRO A 345 -15.91 -12.40 8.27
CA PRO A 345 -16.22 -11.29 9.17
C PRO A 345 -15.00 -10.63 9.83
N GLU A 346 -13.86 -11.30 9.85
CA GLU A 346 -12.62 -10.74 10.45
C GLU A 346 -12.10 -9.65 9.51
N PRO A 347 -11.59 -8.52 10.02
CA PRO A 347 -10.95 -7.53 9.16
C PRO A 347 -9.87 -8.13 8.22
N LYS A 348 -9.09 -9.08 8.71
CA LYS A 348 -8.00 -9.70 7.90
C LYS A 348 -8.63 -10.46 6.74
N SER A 349 -9.79 -11.06 6.98
CA SER A 349 -10.56 -11.81 5.95
C SER A 349 -11.13 -10.83 4.92
N VAL A 350 -11.60 -9.68 5.38
CA VAL A 350 -12.09 -8.60 4.46
C VAL A 350 -10.97 -8.26 3.50
N VAL A 351 -9.79 -7.96 4.01
CA VAL A 351 -8.62 -7.59 3.17
C VAL A 351 -8.33 -8.74 2.19
N GLN A 352 -8.22 -9.97 2.67
CA GLN A 352 -7.94 -11.13 1.80
C GLN A 352 -9.04 -11.23 0.72
N GLN A 353 -10.30 -11.01 1.10
CA GLN A 353 -11.43 -11.12 0.14
C GLN A 353 -11.30 -10.03 -0.93
N TYR A 354 -10.92 -8.83 -0.55
CA TYR A 354 -10.70 -7.70 -1.47
C TYR A 354 -9.56 -8.08 -2.44
N LEU A 355 -8.49 -8.66 -1.93
CA LEU A 355 -7.29 -8.98 -2.73
C LEU A 355 -7.59 -10.16 -3.67
N ASP A 356 -8.55 -11.02 -3.31
N ASP A 356 -8.60 -10.98 -3.34
CA ASP A 356 -9.06 -12.08 -4.22
CA ASP A 356 -9.06 -12.09 -4.21
C ASP A 356 -9.49 -11.43 -5.53
C ASP A 356 -9.68 -11.51 -5.49
N VAL A 357 -10.13 -10.26 -5.46
CA VAL A 357 -10.66 -9.54 -6.65
C VAL A 357 -9.52 -8.76 -7.35
N VAL A 358 -8.76 -7.95 -6.63
CA VAL A 358 -7.82 -6.98 -7.31
C VAL A 358 -6.44 -7.62 -7.48
N GLY A 359 -6.15 -8.70 -6.77
CA GLY A 359 -4.88 -9.43 -6.89
C GLY A 359 -4.10 -9.44 -5.57
N TYR A 360 -3.49 -10.59 -5.25
CA TYR A 360 -2.56 -10.74 -4.12
C TYR A 360 -1.26 -10.01 -4.44
N PRO A 361 -0.61 -9.45 -3.41
CA PRO A 361 0.67 -8.75 -3.57
C PRO A 361 1.73 -9.63 -4.24
N PHE A 362 2.49 -9.04 -5.17
CA PHE A 362 3.62 -9.73 -5.83
C PHE A 362 4.62 -10.11 -4.75
N MET A 363 5.37 -11.18 -4.98
CA MET A 363 6.49 -11.61 -4.11
C MET A 363 7.73 -10.85 -4.52
N PRO A 364 8.29 -10.01 -3.64
CA PRO A 364 9.52 -9.30 -3.96
C PRO A 364 10.73 -10.24 -3.92
N PRO A 365 11.86 -9.86 -4.55
CA PRO A 365 13.12 -10.54 -4.31
C PRO A 365 13.58 -10.25 -2.88
N TYR A 366 14.28 -11.19 -2.28
CA TYR A 366 14.79 -11.08 -0.89
C TYR A 366 15.64 -9.80 -0.76
N TRP A 367 16.51 -9.52 -1.74
CA TRP A 367 17.40 -8.33 -1.70
C TRP A 367 16.56 -7.05 -1.61
N GLY A 368 15.34 -7.04 -2.12
CA GLY A 368 14.42 -5.89 -2.05
C GLY A 368 14.04 -5.52 -0.62
N LEU A 369 14.17 -6.44 0.35
CA LEU A 369 13.83 -6.20 1.77
C LEU A 369 15.06 -5.65 2.53
N GLY A 370 16.20 -5.56 1.86
CA GLY A 370 17.42 -4.95 2.41
C GLY A 370 17.31 -3.43 2.43
N PHE A 371 18.36 -2.76 2.89
CA PHE A 371 18.40 -1.28 2.99
C PHE A 371 18.71 -0.72 1.62
N HIS A 372 17.94 0.30 1.22
CA HIS A 372 18.12 1.08 -0.04
C HIS A 372 18.59 2.48 0.34
N LEU A 373 19.54 3.04 -0.41
CA LEU A 373 20.06 4.39 -0.15
C LEU A 373 20.05 5.17 -1.46
N CYS A 374 19.56 6.39 -1.42
CA CYS A 374 19.36 7.26 -2.60
C CYS A 374 19.49 8.72 -2.16
N ARG A 375 19.77 9.59 -3.12
CA ARG A 375 19.43 11.03 -3.06
C ARG A 375 19.48 11.60 -4.47
N TRP A 376 18.79 12.71 -4.68
CA TRP A 376 19.06 13.61 -5.81
C TRP A 376 20.34 14.38 -5.49
N GLY A 377 21.39 14.22 -6.30
CA GLY A 377 22.67 14.94 -6.12
C GLY A 377 23.89 14.03 -6.02
N TYR A 378 23.75 12.72 -6.18
CA TYR A 378 24.93 11.84 -6.44
C TYR A 378 25.33 12.05 -7.91
N SER A 379 26.13 13.10 -8.16
CA SER A 379 26.28 13.74 -9.50
C SER A 379 27.31 13.03 -10.36
N SER A 380 27.90 11.95 -9.87
CA SER A 380 28.93 11.17 -10.62
C SER A 380 28.97 9.73 -10.10
N THR A 381 29.59 8.84 -10.87
CA THR A 381 29.90 7.44 -10.46
C THR A 381 30.87 7.48 -9.28
N ALA A 382 31.85 8.40 -9.30
CA ALA A 382 32.83 8.55 -8.18
C ALA A 382 32.05 8.80 -6.88
N ILE A 383 31.18 9.80 -6.88
CA ILE A 383 30.38 10.20 -5.69
C ILE A 383 29.52 8.99 -5.27
N THR A 384 28.89 8.31 -6.22
CA THR A 384 27.98 7.18 -5.92
C THR A 384 28.77 6.03 -5.31
N ARG A 385 29.96 5.74 -5.85
CA ARG A 385 30.88 4.69 -5.33
C ARG A 385 31.22 5.02 -3.88
N GLN A 386 31.47 6.31 -3.58
CA GLN A 386 31.86 6.73 -2.20
C GLN A 386 30.75 6.38 -1.21
N VAL A 387 29.49 6.42 -1.64
CA VAL A 387 28.35 6.14 -0.73
C VAL A 387 28.51 4.72 -0.20
N VAL A 388 28.72 3.79 -1.11
CA VAL A 388 28.87 2.35 -0.78
C VAL A 388 30.14 2.18 0.07
N GLU A 389 31.23 2.80 -0.34
CA GLU A 389 32.50 2.78 0.41
C GLU A 389 32.26 3.29 1.84
N ASN A 390 31.57 4.42 1.99
CA ASN A 390 31.35 5.09 3.32
C ASN A 390 30.42 4.22 4.19
N MET A 391 29.41 3.63 3.60
CA MET A 391 28.49 2.75 4.35
C MET A 391 29.29 1.55 4.85
N THR A 392 30.06 0.93 3.96
CA THR A 392 30.81 -0.32 4.23
C THR A 392 31.86 -0.06 5.31
N ARG A 393 32.62 1.01 5.15
CA ARG A 393 33.66 1.49 6.10
C ARG A 393 33.05 1.56 7.51
N ALA A 394 31.81 2.06 7.63
CA ALA A 394 31.16 2.34 8.94
C ALA A 394 30.28 1.14 9.36
N HIS A 395 30.39 0.00 8.66
CA HIS A 395 29.67 -1.26 8.99
C HIS A 395 28.14 -1.03 8.90
N PHE A 396 27.69 -0.26 7.94
CA PHE A 396 26.23 -0.12 7.66
C PHE A 396 25.85 -1.04 6.52
N PRO A 397 24.88 -1.94 6.75
CA PRO A 397 24.33 -2.75 5.66
C PRO A 397 23.73 -1.87 4.56
N LEU A 398 23.94 -2.28 3.31
CA LEU A 398 23.38 -1.64 2.10
C LEU A 398 23.20 -2.68 1.01
N ASP A 399 21.96 -2.97 0.61
CA ASP A 399 21.74 -3.97 -0.46
C ASP A 399 21.69 -3.28 -1.80
N VAL A 400 21.08 -2.09 -1.87
CA VAL A 400 20.71 -1.47 -3.18
C VAL A 400 21.18 -0.02 -3.19
N GLN A 401 22.08 0.29 -4.12
CA GLN A 401 22.51 1.68 -4.37
C GLN A 401 21.59 2.24 -5.46
N TRP A 402 21.10 3.45 -5.27
CA TRP A 402 20.18 4.13 -6.22
C TRP A 402 20.83 5.39 -6.77
N ASN A 403 20.35 5.84 -7.94
CA ASN A 403 20.54 7.22 -8.47
C ASN A 403 19.19 7.81 -8.88
N ASP A 404 19.07 9.12 -8.73
CA ASP A 404 17.93 9.96 -9.17
C ASP A 404 18.29 10.45 -10.58
N LEU A 405 17.84 11.64 -10.98
CA LEU A 405 18.02 12.19 -12.36
C LEU A 405 19.51 12.33 -12.71
N ASP A 406 20.41 12.31 -11.74
CA ASP A 406 21.85 12.60 -11.93
C ASP A 406 22.42 11.78 -13.10
N TYR A 407 22.01 10.53 -13.28
CA TYR A 407 22.71 9.60 -14.19
C TYR A 407 22.45 9.98 -15.64
N MET A 408 21.32 10.65 -15.89
CA MET A 408 20.77 10.83 -17.24
C MET A 408 21.61 11.85 -18.04
N ASP A 409 21.51 11.75 -19.35
CA ASP A 409 21.98 12.78 -20.29
C ASP A 409 20.83 13.79 -20.50
N SER A 410 20.97 15.00 -19.94
CA SER A 410 19.98 16.10 -20.09
C SER A 410 18.61 15.64 -19.58
N ARG A 411 18.60 14.87 -18.49
CA ARG A 411 17.37 14.46 -17.76
C ARG A 411 16.46 13.64 -18.69
N ARG A 412 17.05 12.83 -19.59
CA ARG A 412 16.28 11.96 -20.52
C ARG A 412 16.40 10.49 -20.11
N ASP A 413 15.27 9.78 -20.08
CA ASP A 413 15.20 8.31 -19.89
C ASP A 413 16.12 7.61 -20.88
N PHE A 414 16.69 6.47 -20.46
CA PHE A 414 17.40 5.49 -21.30
C PHE A 414 18.63 6.15 -21.92
N THR A 415 19.25 7.05 -21.17
CA THR A 415 20.54 7.67 -21.51
C THR A 415 21.37 7.74 -20.23
N PHE A 416 22.68 7.92 -20.36
CA PHE A 416 23.56 8.34 -19.24
C PHE A 416 24.56 9.36 -19.77
N ASN A 417 24.86 10.39 -18.98
CA ASN A 417 25.77 11.48 -19.39
C ASN A 417 27.21 10.95 -19.44
N LYS A 418 28.02 11.52 -20.32
CA LYS A 418 29.42 11.09 -20.58
C LYS A 418 30.37 11.98 -19.77
N ASP A 419 29.82 12.71 -18.80
CA ASP A 419 30.61 13.53 -17.85
C ASP A 419 30.81 12.68 -16.58
N GLY A 420 30.07 12.98 -15.51
CA GLY A 420 30.14 12.25 -14.24
C GLY A 420 29.74 10.78 -14.37
N PHE A 421 29.01 10.39 -15.41
CA PHE A 421 28.47 9.00 -15.53
C PHE A 421 29.04 8.27 -16.76
N ARG A 422 30.27 8.61 -17.19
CA ARG A 422 30.90 8.01 -18.39
C ARG A 422 31.05 6.50 -18.19
N ASP A 423 31.44 6.07 -16.98
CA ASP A 423 31.69 4.63 -16.64
C ASP A 423 30.50 4.06 -15.84
N PHE A 424 29.28 4.45 -16.20
CA PHE A 424 28.02 3.98 -15.54
C PHE A 424 27.97 2.46 -15.58
N PRO A 425 28.20 1.81 -16.75
CA PRO A 425 28.13 0.35 -16.83
C PRO A 425 29.08 -0.32 -15.84
N ALA A 426 30.31 0.15 -15.74
CA ALA A 426 31.36 -0.42 -14.84
C ALA A 426 30.89 -0.30 -13.39
N MET A 427 30.26 0.82 -13.02
CA MET A 427 29.86 1.08 -11.62
C MET A 427 28.82 0.04 -11.21
N VAL A 428 27.85 -0.22 -12.08
CA VAL A 428 26.76 -1.19 -11.78
C VAL A 428 27.32 -2.62 -11.74
N GLN A 429 28.17 -2.99 -12.69
CA GLN A 429 28.88 -4.30 -12.66
C GLN A 429 29.65 -4.43 -11.34
N GLU A 430 30.33 -3.39 -10.88
CA GLU A 430 31.06 -3.45 -9.58
C GLU A 430 30.08 -3.76 -8.46
N LEU A 431 28.95 -3.04 -8.41
CA LEU A 431 27.94 -3.22 -7.35
C LEU A 431 27.58 -4.70 -7.30
N HIS A 432 27.35 -5.31 -8.46
CA HIS A 432 27.00 -6.76 -8.58
C HIS A 432 28.14 -7.61 -8.04
N GLN A 433 29.39 -7.28 -8.36
CA GLN A 433 30.58 -8.07 -7.89
C GLN A 433 30.65 -8.07 -6.37
N GLY A 434 30.24 -6.97 -5.72
CA GLY A 434 30.23 -6.83 -4.25
C GLY A 434 29.01 -7.50 -3.62
N GLY A 435 28.06 -8.00 -4.40
CA GLY A 435 26.84 -8.65 -3.88
C GLY A 435 25.69 -7.68 -3.67
N ARG A 436 25.77 -6.50 -4.28
CA ARG A 436 24.70 -5.45 -4.16
C ARG A 436 23.94 -5.33 -5.47
N ARG A 437 22.74 -4.73 -5.40
CA ARG A 437 21.84 -4.46 -6.55
C ARG A 437 21.81 -2.96 -6.79
N TYR A 438 21.30 -2.56 -7.94
CA TYR A 438 21.29 -1.15 -8.40
C TYR A 438 19.90 -0.79 -8.94
N MET A 439 19.40 0.37 -8.53
CA MET A 439 18.08 0.94 -8.95
CA MET A 439 18.10 0.92 -9.00
C MET A 439 18.28 2.37 -9.46
N MET A 440 17.50 2.78 -10.46
CA MET A 440 17.56 4.18 -10.91
C MET A 440 16.16 4.64 -11.29
N ILE A 441 15.93 5.93 -11.16
CA ILE A 441 14.64 6.58 -11.49
C ILE A 441 14.38 6.47 -13.00
N VAL A 442 13.13 6.30 -13.34
CA VAL A 442 12.63 6.42 -14.73
C VAL A 442 11.37 7.27 -14.69
N ASP A 443 11.29 8.28 -15.57
CA ASP A 443 10.09 9.13 -15.73
C ASP A 443 9.24 8.53 -16.84
N PRO A 444 7.92 8.80 -16.88
CA PRO A 444 7.10 8.34 -17.99
C PRO A 444 7.30 9.18 -19.26
N ALA A 445 7.46 10.48 -19.11
CA ALA A 445 7.51 11.47 -20.20
C ALA A 445 8.80 11.32 -21.01
N ILE A 446 8.69 11.43 -22.33
CA ILE A 446 9.81 11.21 -23.28
C ILE A 446 10.09 12.51 -24.03
N SER A 447 11.31 13.01 -23.90
CA SER A 447 11.78 14.26 -24.56
C SER A 447 11.41 14.23 -26.04
N SER A 448 10.71 15.25 -26.53
CA SER A 448 10.21 15.34 -27.93
C SER A 448 10.98 16.40 -28.73
N SER A 449 11.97 17.06 -28.16
CA SER A 449 12.54 18.30 -28.75
C SER A 449 13.77 17.97 -29.58
N GLY A 450 14.41 16.83 -29.34
CA GLY A 450 15.66 16.44 -30.03
C GLY A 450 15.40 16.38 -31.54
N PRO A 451 16.38 16.73 -32.40
CA PRO A 451 16.22 16.55 -33.84
C PRO A 451 15.85 15.11 -34.17
N ALA A 452 14.96 14.89 -35.16
CA ALA A 452 14.53 13.55 -35.62
C ALA A 452 15.77 12.68 -35.79
N GLY A 453 15.78 11.49 -35.20
CA GLY A 453 16.88 10.51 -35.34
C GLY A 453 17.93 10.67 -34.27
N SER A 454 17.83 11.68 -33.41
CA SER A 454 18.83 11.97 -32.34
C SER A 454 18.51 11.24 -31.02
N TYR A 455 17.26 10.86 -30.74
CA TYR A 455 16.87 10.28 -29.43
C TYR A 455 15.88 9.14 -29.66
N ARG A 456 16.42 7.92 -29.71
CA ARG A 456 15.74 6.67 -30.14
C ARG A 456 14.40 6.46 -29.42
N PRO A 457 14.31 6.61 -28.08
CA PRO A 457 13.02 6.41 -27.41
C PRO A 457 11.90 7.24 -28.04
N TYR A 458 12.16 8.50 -28.36
CA TYR A 458 11.11 9.39 -28.93
C TYR A 458 10.92 9.00 -30.40
N ASP A 459 12.00 8.84 -31.14
CA ASP A 459 11.94 8.59 -32.60
C ASP A 459 11.14 7.31 -32.84
N GLU A 460 11.42 6.27 -32.06
CA GLU A 460 10.72 4.97 -32.11
C GLU A 460 9.29 5.13 -31.58
N GLY A 461 9.10 5.83 -30.46
CA GLY A 461 7.77 6.03 -29.88
C GLY A 461 6.86 6.75 -30.86
N LEU A 462 7.40 7.77 -31.52
CA LEU A 462 6.66 8.58 -32.51
C LEU A 462 6.21 7.69 -33.66
N ARG A 463 7.15 6.96 -34.26
CA ARG A 463 6.87 6.03 -35.38
C ARG A 463 5.78 5.02 -34.98
N ARG A 464 5.85 4.46 -33.77
CA ARG A 464 4.98 3.31 -33.36
C ARG A 464 3.67 3.80 -32.74
N GLY A 465 3.49 5.11 -32.60
CA GLY A 465 2.23 5.70 -32.12
C GLY A 465 1.97 5.38 -30.64
N VAL A 466 3.02 5.36 -29.82
CA VAL A 466 2.95 4.88 -28.41
C VAL A 466 2.42 5.99 -27.51
N PHE A 467 2.31 7.22 -28.00
CA PHE A 467 2.07 8.41 -27.14
C PHE A 467 0.59 8.75 -27.10
N ILE A 468 0.14 9.27 -25.95
CA ILE A 468 -1.19 9.93 -25.78
C ILE A 468 -1.30 11.08 -26.78
N THR A 469 -2.42 11.14 -27.48
CA THR A 469 -2.64 12.08 -28.61
C THR A 469 -3.78 13.02 -28.23
N ASN A 470 -3.83 14.18 -28.88
CA ASN A 470 -4.69 15.31 -28.49
C ASN A 470 -5.84 15.43 -29.49
N GLU A 471 -6.54 16.56 -29.41
CA GLU A 471 -7.77 16.84 -30.18
C GLU A 471 -7.51 16.77 -31.70
N THR A 472 -6.33 17.17 -32.16
CA THR A 472 -5.97 17.14 -33.61
C THR A 472 -5.14 15.89 -33.94
N GLY A 473 -5.09 14.91 -33.05
CA GLY A 473 -4.53 13.56 -33.34
C GLY A 473 -3.00 13.54 -33.32
N GLN A 474 -2.34 14.57 -32.79
CA GLN A 474 -0.86 14.61 -32.60
C GLN A 474 -0.54 14.25 -31.15
N PRO A 475 0.71 13.85 -30.85
CA PRO A 475 1.12 13.60 -29.48
C PRO A 475 0.89 14.86 -28.61
N LEU A 476 0.24 14.66 -27.46
CA LEU A 476 0.11 15.73 -26.43
C LEU A 476 1.50 16.05 -25.90
N ILE A 477 1.89 17.30 -25.96
CA ILE A 477 3.24 17.74 -25.52
C ILE A 477 3.08 18.55 -24.24
N GLY A 478 3.76 18.14 -23.18
CA GLY A 478 3.82 18.90 -21.91
C GLY A 478 5.25 19.30 -21.61
N LYS A 479 5.53 19.69 -20.37
CA LYS A 479 6.89 20.07 -19.95
C LYS A 479 7.23 19.32 -18.68
N VAL A 480 8.33 18.57 -18.69
CA VAL A 480 8.89 17.93 -17.46
C VAL A 480 10.41 18.13 -17.49
N TRP A 481 11.18 17.29 -16.80
CA TRP A 481 12.60 17.58 -16.49
C TRP A 481 13.40 17.86 -17.75
N PRO A 482 13.23 17.09 -18.84
CA PRO A 482 14.03 17.29 -20.05
C PRO A 482 13.61 18.50 -20.89
N GLY A 483 12.48 19.11 -20.54
CA GLY A 483 11.79 20.12 -21.39
C GLY A 483 10.50 19.56 -21.98
N SER A 484 10.25 19.83 -23.26
CA SER A 484 9.06 19.34 -23.99
C SER A 484 9.07 17.80 -23.98
N THR A 485 7.95 17.17 -23.61
CA THR A 485 7.84 15.69 -23.54
C THR A 485 6.49 15.23 -24.11
N ALA A 486 6.48 14.03 -24.71
CA ALA A 486 5.23 13.27 -24.98
C ALA A 486 5.05 12.26 -23.85
N PHE A 487 3.83 11.74 -23.66
CA PHE A 487 3.48 10.80 -22.58
C PHE A 487 3.03 9.48 -23.18
N PRO A 488 3.74 8.39 -22.85
CA PRO A 488 3.39 7.06 -23.30
C PRO A 488 2.00 6.65 -22.81
N ASP A 489 1.29 5.94 -23.66
CA ASP A 489 -0.05 5.39 -23.42
C ASP A 489 0.10 3.92 -23.04
N PHE A 490 0.18 3.62 -21.75
CA PHE A 490 0.41 2.25 -21.27
C PHE A 490 -0.86 1.39 -21.37
N THR A 491 -1.92 1.84 -22.04
CA THR A 491 -3.08 0.97 -22.41
C THR A 491 -2.93 0.48 -23.85
N ASN A 492 -1.94 0.98 -24.58
CA ASN A 492 -1.69 0.62 -26.01
C ASN A 492 -0.70 -0.54 -26.06
N PRO A 493 -1.11 -1.71 -26.61
CA PRO A 493 -0.21 -2.86 -26.68
C PRO A 493 1.14 -2.53 -27.35
N THR A 494 1.15 -1.66 -28.35
CA THR A 494 2.39 -1.26 -29.05
C THR A 494 3.30 -0.47 -28.09
N ALA A 495 2.71 0.33 -27.20
CA ALA A 495 3.46 1.10 -26.18
C ALA A 495 4.12 0.14 -25.19
N LEU A 496 3.42 -0.94 -24.81
CA LEU A 496 3.97 -2.00 -23.92
C LEU A 496 5.18 -2.66 -24.61
N ALA A 497 5.06 -3.02 -25.88
CA ALA A 497 6.17 -3.62 -26.67
C ALA A 497 7.35 -2.64 -26.73
N TRP A 498 7.09 -1.37 -27.02
CA TRP A 498 8.12 -0.30 -27.11
C TRP A 498 8.81 -0.09 -25.75
N TRP A 499 8.04 -0.08 -24.66
CA TRP A 499 8.56 0.08 -23.27
C TRP A 499 9.48 -1.10 -22.94
N GLU A 500 9.04 -2.33 -23.22
CA GLU A 500 9.88 -3.54 -23.05
C GLU A 500 11.17 -3.36 -23.84
N ASP A 501 11.07 -2.86 -25.07
CA ASP A 501 12.24 -2.71 -25.99
C ASP A 501 13.21 -1.70 -25.35
N MET A 502 12.70 -0.54 -24.94
CA MET A 502 13.57 0.56 -24.42
C MET A 502 14.23 0.07 -23.12
N VAL A 503 13.48 -0.58 -22.23
CA VAL A 503 14.02 -1.14 -20.96
C VAL A 503 15.11 -2.17 -21.30
N ALA A 504 14.85 -3.08 -22.24
CA ALA A 504 15.78 -4.17 -22.59
C ALA A 504 17.07 -3.59 -23.18
N GLU A 505 16.96 -2.62 -24.10
CA GLU A 505 18.13 -1.98 -24.74
C GLU A 505 18.96 -1.27 -23.66
N PHE A 506 18.32 -0.57 -22.74
CA PHE A 506 19.08 0.24 -21.76
C PHE A 506 19.75 -0.75 -20.80
N HIS A 507 19.06 -1.84 -20.51
CA HIS A 507 19.58 -2.91 -19.61
C HIS A 507 20.83 -3.55 -20.22
N ASP A 508 20.91 -3.62 -21.56
CA ASP A 508 22.07 -4.19 -22.29
C ASP A 508 23.28 -3.28 -22.12
N GLN A 509 23.08 -1.99 -21.87
CA GLN A 509 24.18 -1.03 -21.62
C GLN A 509 24.52 -1.01 -20.13
N VAL A 510 23.50 -0.98 -19.27
CA VAL A 510 23.63 -0.84 -17.79
C VAL A 510 22.67 -1.84 -17.16
N PRO A 511 23.16 -2.90 -16.49
CA PRO A 511 22.28 -3.96 -16.02
C PRO A 511 21.65 -3.65 -14.65
N PHE A 512 20.70 -2.71 -14.63
CA PHE A 512 19.95 -2.28 -13.41
C PHE A 512 19.06 -3.44 -12.97
N ASP A 513 18.69 -3.48 -11.69
CA ASP A 513 18.01 -4.64 -11.05
C ASP A 513 16.53 -4.36 -10.82
N GLY A 514 16.06 -3.15 -11.16
CA GLY A 514 14.64 -2.78 -11.09
C GLY A 514 14.42 -1.36 -11.54
N MET A 515 13.19 -0.84 -11.39
CA MET A 515 12.86 0.52 -11.88
C MET A 515 12.13 1.29 -10.80
N TRP A 516 12.59 2.50 -10.56
CA TRP A 516 11.94 3.51 -9.69
C TRP A 516 11.11 4.41 -10.58
N ILE A 517 9.79 4.18 -10.66
CA ILE A 517 8.92 4.91 -11.62
C ILE A 517 8.22 6.05 -10.88
N ASP A 518 8.70 7.26 -11.18
CA ASP A 518 8.29 8.55 -10.58
C ASP A 518 7.32 9.27 -11.52
N MET A 519 6.67 10.33 -11.04
N MET A 519 6.67 10.33 -11.02
CA MET A 519 5.99 11.32 -11.91
CA MET A 519 5.94 11.33 -11.85
C MET A 519 4.89 10.67 -12.75
C MET A 519 4.91 10.67 -12.75
N ASN A 520 4.28 9.58 -12.30
CA ASN A 520 3.38 8.75 -13.15
C ASN A 520 1.92 8.96 -12.73
N GLU A 521 1.58 10.20 -12.39
CA GLU A 521 0.18 10.60 -12.08
C GLU A 521 -0.68 10.69 -13.35
N PRO A 522 -0.22 11.09 -14.55
CA PRO A 522 1.13 11.58 -14.85
C PRO A 522 1.34 13.07 -14.47
N SER A 523 2.53 13.38 -13.98
CA SER A 523 2.87 14.75 -13.52
C SER A 523 3.29 15.59 -14.73
N ASN A 524 2.78 16.80 -14.81
CA ASN A 524 3.06 17.80 -15.86
C ASN A 524 3.42 19.10 -15.16
N PHE A 525 4.52 19.75 -15.55
CA PHE A 525 4.99 21.03 -14.94
C PHE A 525 4.18 22.22 -15.45
N ILE A 526 3.37 22.01 -16.47
CA ILE A 526 2.43 23.04 -17.00
C ILE A 526 1.04 22.42 -16.98
N ARG A 527 0.00 23.23 -17.18
CA ARG A 527 -1.41 22.79 -17.11
C ARG A 527 -1.83 22.22 -18.47
N GLY A 528 -2.12 20.91 -18.51
CA GLY A 528 -2.71 20.24 -19.68
C GLY A 528 -1.70 19.93 -20.75
N SER A 529 -1.24 20.95 -21.48
CA SER A 529 -0.28 20.81 -22.60
C SER A 529 0.30 22.19 -22.95
N GLU A 530 1.43 22.21 -23.67
CA GLU A 530 2.05 23.44 -24.23
C GLU A 530 0.99 24.26 -24.94
N ASP A 531 -0.01 23.59 -25.52
CA ASP A 531 -1.05 24.19 -26.39
C ASP A 531 -2.34 24.35 -25.61
N GLY A 532 -2.30 24.21 -24.29
CA GLY A 532 -3.52 24.22 -23.45
C GLY A 532 -4.44 23.05 -23.74
N CYS A 533 -5.71 23.18 -23.40
CA CYS A 533 -6.70 22.09 -23.59
C CYS A 533 -7.94 22.69 -24.24
N PRO A 534 -8.70 21.90 -25.03
CA PRO A 534 -9.92 22.39 -25.64
C PRO A 534 -11.01 22.65 -24.59
N ASN A 535 -12.04 23.40 -24.97
CA ASN A 535 -13.23 23.64 -24.13
C ASN A 535 -14.28 22.59 -24.51
N ASN A 536 -14.37 21.52 -23.74
CA ASN A 536 -15.42 20.50 -23.89
C ASN A 536 -15.81 20.01 -22.49
N GLU A 537 -16.77 19.11 -22.45
CA GLU A 537 -17.40 18.60 -21.20
C GLU A 537 -16.39 17.78 -20.38
N LEU A 538 -15.39 17.17 -21.02
CA LEU A 538 -14.37 16.36 -20.31
C LEU A 538 -13.42 17.30 -19.57
N GLU A 539 -13.01 18.40 -20.21
CA GLU A 539 -12.10 19.39 -19.61
C GLU A 539 -12.86 20.22 -18.57
N ASN A 540 -14.15 20.49 -18.83
CA ASN A 540 -14.99 21.35 -17.95
C ASN A 540 -16.24 20.58 -17.53
N PRO A 541 -16.12 19.53 -16.70
CA PRO A 541 -17.27 18.70 -16.38
C PRO A 541 -18.28 19.40 -15.49
N PRO A 542 -19.55 18.93 -15.47
CA PRO A 542 -20.58 19.54 -14.65
C PRO A 542 -20.32 19.42 -13.14
N TYR A 543 -19.57 18.42 -12.71
CA TYR A 543 -19.15 18.28 -11.30
C TYR A 543 -17.66 18.03 -11.25
N VAL A 544 -16.96 18.96 -10.62
CA VAL A 544 -15.49 18.89 -10.38
C VAL A 544 -15.28 18.51 -8.91
N PRO A 545 -14.70 17.32 -8.64
CA PRO A 545 -14.38 16.92 -7.27
C PRO A 545 -13.38 17.88 -6.62
N GLY A 546 -13.16 17.75 -5.30
CA GLY A 546 -12.36 18.69 -4.52
C GLY A 546 -10.87 18.54 -4.78
N VAL A 547 -10.45 18.62 -6.04
CA VAL A 547 -9.02 18.45 -6.44
C VAL A 547 -8.28 19.75 -6.11
N VAL A 548 -7.01 19.64 -5.72
CA VAL A 548 -6.13 20.81 -5.60
C VAL A 548 -6.07 21.48 -6.99
N GLY A 549 -6.22 22.81 -7.01
CA GLY A 549 -6.16 23.64 -8.24
C GLY A 549 -7.54 23.79 -8.86
N GLY A 550 -8.51 23.00 -8.41
CA GLY A 550 -9.92 23.12 -8.82
C GLY A 550 -10.19 22.73 -10.27
N THR A 551 -9.27 22.03 -10.93
CA THR A 551 -9.45 21.52 -12.30
C THR A 551 -8.79 20.15 -12.42
N LEU A 552 -9.31 19.31 -13.32
CA LEU A 552 -8.75 17.96 -13.60
C LEU A 552 -7.40 18.10 -14.33
N GLN A 553 -7.16 19.26 -14.95
CA GLN A 553 -5.97 19.53 -15.79
C GLN A 553 -4.75 19.92 -14.95
N ALA A 554 -4.97 20.43 -13.74
CA ALA A 554 -3.90 20.98 -12.88
C ALA A 554 -2.82 19.91 -12.65
N ALA A 555 -1.56 20.25 -12.98
CA ALA A 555 -0.35 19.44 -12.72
C ALA A 555 -0.39 18.14 -13.54
N THR A 556 -1.24 18.05 -14.56
CA THR A 556 -1.34 16.81 -15.39
C THR A 556 -1.69 17.18 -16.82
N ILE A 557 -2.15 16.21 -17.59
CA ILE A 557 -2.39 16.36 -19.05
C ILE A 557 -3.90 16.57 -19.27
N CYS A 558 -4.26 17.03 -20.46
CA CYS A 558 -5.66 17.32 -20.83
C CYS A 558 -6.52 16.09 -20.57
N ALA A 559 -7.70 16.28 -20.01
CA ALA A 559 -8.66 15.20 -19.69
C ALA A 559 -9.23 14.60 -20.99
N SER A 560 -9.31 15.37 -22.08
CA SER A 560 -9.95 14.93 -23.35
C SER A 560 -8.93 14.28 -24.29
N SER A 561 -7.68 14.15 -23.87
CA SER A 561 -6.62 13.45 -24.64
C SER A 561 -6.99 11.96 -24.79
N HIS A 562 -6.49 11.32 -25.83
CA HIS A 562 -6.89 9.95 -26.24
C HIS A 562 -5.82 8.93 -25.87
N GLN A 563 -6.26 7.83 -25.25
CA GLN A 563 -5.45 6.60 -25.04
C GLN A 563 -6.11 5.48 -25.84
N PHE A 564 -5.40 4.36 -26.02
CA PHE A 564 -5.90 3.21 -26.81
C PHE A 564 -7.24 2.72 -26.26
N LEU A 565 -7.41 2.63 -24.94
CA LEU A 565 -8.65 2.03 -24.34
C LEU A 565 -9.74 3.10 -24.23
N SER A 566 -9.41 4.36 -23.97
CA SER A 566 -10.43 5.38 -23.62
C SER A 566 -9.77 6.76 -23.53
N THR A 567 -10.55 7.76 -23.18
CA THR A 567 -10.01 9.12 -22.91
C THR A 567 -9.24 9.12 -21.58
N HIS A 568 -8.35 10.09 -21.41
CA HIS A 568 -7.60 10.28 -20.16
C HIS A 568 -8.56 10.56 -19.00
N TYR A 569 -9.68 11.24 -19.26
CA TYR A 569 -10.75 11.49 -18.27
C TYR A 569 -11.08 10.20 -17.51
N ASN A 570 -11.24 9.08 -18.21
CA ASN A 570 -11.62 7.76 -17.62
C ASN A 570 -10.37 7.04 -17.08
N LEU A 571 -9.22 7.20 -17.71
CA LEU A 571 -8.03 6.34 -17.42
C LEU A 571 -7.00 7.03 -16.52
N HIS A 572 -7.12 8.32 -16.23
CA HIS A 572 -6.11 9.10 -15.48
C HIS A 572 -5.67 8.35 -14.20
N ASN A 573 -6.62 7.88 -13.40
CA ASN A 573 -6.29 7.26 -12.08
C ASN A 573 -5.61 5.91 -12.28
N LEU A 574 -5.60 5.36 -13.52
CA LEU A 574 -4.89 4.09 -13.82
C LEU A 574 -3.48 4.35 -14.37
N TYR A 575 -3.12 5.59 -14.67
CA TYR A 575 -1.87 5.83 -15.47
C TYR A 575 -0.68 5.15 -14.78
N GLY A 576 -0.47 5.47 -13.51
CA GLY A 576 0.62 4.89 -12.70
C GLY A 576 0.57 3.38 -12.70
N LEU A 577 -0.60 2.81 -12.41
CA LEU A 577 -0.80 1.34 -12.40
C LEU A 577 -0.40 0.76 -13.77
N THR A 578 -0.86 1.34 -14.87
CA THR A 578 -0.56 0.79 -16.23
C THR A 578 0.94 0.85 -16.47
N GLU A 579 1.65 1.89 -16.00
CA GLU A 579 3.12 1.95 -16.16
C GLU A 579 3.78 0.87 -15.30
N ALA A 580 3.21 0.56 -14.13
CA ALA A 580 3.76 -0.46 -13.21
C ALA A 580 3.63 -1.85 -13.86
N ILE A 581 2.48 -2.16 -14.46
CA ILE A 581 2.27 -3.43 -15.22
C ILE A 581 3.28 -3.47 -16.39
N ALA A 582 3.36 -2.41 -17.17
CA ALA A 582 4.27 -2.34 -18.33
C ALA A 582 5.73 -2.59 -17.88
N SER A 583 6.12 -2.02 -16.74
CA SER A 583 7.51 -2.07 -16.21
C SER A 583 7.78 -3.45 -15.59
N HIS A 584 6.78 -4.02 -14.94
CA HIS A 584 6.83 -5.39 -14.38
C HIS A 584 7.17 -6.35 -15.53
N ARG A 585 6.38 -6.33 -16.60
CA ARG A 585 6.59 -7.18 -17.80
C ARG A 585 7.96 -6.90 -18.41
N ALA A 586 8.35 -5.62 -18.53
CA ALA A 586 9.64 -5.19 -19.14
C ALA A 586 10.81 -5.82 -18.39
N LEU A 587 10.74 -5.82 -17.06
CA LEU A 587 11.85 -6.30 -16.20
C LEU A 587 11.93 -7.84 -16.20
N VAL A 588 10.79 -8.51 -16.27
CA VAL A 588 10.74 -10.00 -16.40
C VAL A 588 11.43 -10.39 -17.70
N LYS A 589 11.06 -9.77 -18.83
CA LYS A 589 11.61 -10.12 -20.16
C LYS A 589 13.08 -9.75 -20.21
N ALA A 590 13.49 -8.62 -19.63
CA ALA A 590 14.90 -8.17 -19.69
C ALA A 590 15.79 -9.01 -18.77
N ARG A 591 15.31 -9.45 -17.61
CA ARG A 591 16.20 -10.02 -16.55
C ARG A 591 15.91 -11.50 -16.29
N GLY A 592 14.68 -11.96 -16.51
CA GLY A 592 14.31 -13.38 -16.33
C GLY A 592 14.17 -13.78 -14.87
N THR A 593 14.13 -12.80 -13.95
CA THR A 593 13.89 -13.01 -12.50
C THR A 593 12.79 -12.05 -12.02
N ARG A 594 12.36 -12.18 -10.76
CA ARG A 594 11.31 -11.35 -10.12
C ARG A 594 11.60 -9.88 -10.35
N PRO A 595 10.61 -9.08 -10.81
CA PRO A 595 10.82 -7.66 -10.98
C PRO A 595 10.69 -6.93 -9.64
N PHE A 596 11.39 -5.79 -9.54
CA PHE A 596 11.31 -4.87 -8.40
C PHE A 596 11.00 -3.47 -8.94
N VAL A 597 9.75 -3.10 -8.82
CA VAL A 597 9.20 -1.80 -9.29
C VAL A 597 8.68 -1.04 -8.08
N ILE A 598 9.17 0.17 -7.86
CA ILE A 598 8.66 1.13 -6.83
C ILE A 598 8.02 2.29 -7.58
N SER A 599 6.73 2.51 -7.33
CA SER A 599 5.90 3.49 -8.05
C SER A 599 5.36 4.57 -7.11
N ARG A 600 5.35 5.81 -7.59
CA ARG A 600 4.71 6.93 -6.87
C ARG A 600 3.19 6.80 -7.00
N SER A 601 2.67 6.83 -8.21
CA SER A 601 1.22 6.76 -8.45
C SER A 601 0.74 5.31 -8.45
N THR A 602 -0.43 5.08 -7.86
CA THR A 602 -1.02 3.73 -7.69
C THR A 602 -2.53 3.82 -7.88
N PHE A 603 -3.14 2.67 -8.07
CA PHE A 603 -4.60 2.44 -8.05
C PHE A 603 -4.83 1.08 -7.41
N ALA A 604 -6.06 0.78 -7.05
CA ALA A 604 -6.48 -0.53 -6.53
C ALA A 604 -5.90 -1.62 -7.43
N GLY A 605 -5.19 -2.58 -6.83
CA GLY A 605 -4.60 -3.72 -7.55
C GLY A 605 -3.14 -3.50 -7.90
N HIS A 606 -2.58 -2.37 -7.50
CA HIS A 606 -1.16 -2.00 -7.75
C HIS A 606 -0.21 -3.05 -7.16
N GLY A 607 -0.51 -3.56 -5.96
CA GLY A 607 0.37 -4.45 -5.18
C GLY A 607 0.67 -5.77 -5.88
N ARG A 608 -0.20 -6.19 -6.81
CA ARG A 608 0.01 -7.39 -7.63
C ARG A 608 1.24 -7.20 -8.54
N TYR A 609 1.65 -5.96 -8.80
CA TYR A 609 2.72 -5.68 -9.78
C TYR A 609 3.93 -5.01 -9.15
N ALA A 610 3.74 -4.21 -8.11
CA ALA A 610 4.78 -3.26 -7.67
C ALA A 610 4.58 -2.79 -6.24
N GLY A 611 5.55 -2.00 -5.78
CA GLY A 611 5.50 -1.36 -4.47
C GLY A 611 5.28 0.11 -4.61
N HIS A 612 5.41 0.81 -3.50
CA HIS A 612 5.09 2.24 -3.43
C HIS A 612 5.93 2.91 -2.35
N TRP A 613 6.33 4.14 -2.59
CA TRP A 613 6.86 5.03 -1.54
C TRP A 613 5.95 6.25 -1.46
N THR A 614 5.83 6.85 -0.26
CA THR A 614 4.78 7.84 0.09
C THR A 614 5.09 9.22 -0.48
N GLY A 615 6.19 9.38 -1.22
CA GLY A 615 6.46 10.61 -2.00
C GLY A 615 7.23 11.66 -1.22
N ASP A 616 6.99 12.96 -1.52
CA ASP A 616 7.86 14.08 -1.11
C ASP A 616 7.50 14.54 0.30
N VAL A 617 7.73 13.67 1.30
CA VAL A 617 7.40 13.99 2.73
C VAL A 617 8.49 14.93 3.28
N TRP A 618 8.07 15.93 4.07
CA TRP A 618 8.96 16.88 4.79
C TRP A 618 9.75 16.11 5.86
N SER A 619 11.00 16.51 6.06
CA SER A 619 11.83 16.04 7.20
C SER A 619 11.30 16.71 8.48
N SER A 620 10.20 16.19 9.02
CA SER A 620 9.51 16.75 10.20
C SER A 620 8.98 15.63 11.07
N TRP A 621 8.84 15.91 12.36
CA TRP A 621 8.30 14.96 13.36
C TRP A 621 6.87 14.60 12.99
N GLU A 622 6.13 15.56 12.45
CA GLU A 622 4.71 15.36 12.02
C GLU A 622 4.67 14.29 10.92
N GLN A 623 5.52 14.43 9.90
CA GLN A 623 5.58 13.49 8.75
C GLN A 623 6.09 12.12 9.23
N LEU A 624 7.03 12.08 10.17
CA LEU A 624 7.48 10.79 10.74
C LEU A 624 6.26 10.08 11.34
N ALA A 625 5.49 10.76 12.18
CA ALA A 625 4.29 10.17 12.84
C ALA A 625 3.29 9.76 11.75
N SER A 626 3.08 10.60 10.73
CA SER A 626 2.03 10.39 9.70
C SER A 626 2.36 9.17 8.86
N SER A 627 3.64 8.80 8.78
CA SER A 627 4.10 7.68 7.94
C SER A 627 3.55 6.37 8.50
N VAL A 628 3.28 6.28 9.80
CA VAL A 628 2.81 4.98 10.38
C VAL A 628 1.41 4.64 9.84
N PRO A 629 0.38 5.49 10.00
CA PRO A 629 -0.93 5.20 9.43
C PRO A 629 -0.90 5.00 7.90
N GLU A 630 -0.04 5.73 7.18
CA GLU A 630 0.00 5.63 5.70
C GLU A 630 0.58 4.26 5.29
N ILE A 631 1.61 3.78 5.98
CA ILE A 631 2.22 2.45 5.67
C ILE A 631 1.19 1.38 6.01
N LEU A 632 0.46 1.52 7.13
CA LEU A 632 -0.61 0.57 7.52
C LEU A 632 -1.73 0.59 6.46
N GLN A 633 -2.15 1.78 6.03
CA GLN A 633 -3.23 1.94 5.01
C GLN A 633 -2.87 1.16 3.73
N PHE A 634 -1.64 1.30 3.23
CA PHE A 634 -1.22 0.66 1.97
C PHE A 634 -1.21 -0.87 2.14
N ASN A 635 -0.90 -1.38 3.35
CA ASN A 635 -0.92 -2.86 3.60
C ASN A 635 -2.37 -3.36 3.47
N LEU A 636 -3.34 -2.66 4.06
CA LEU A 636 -4.80 -2.97 3.95
C LEU A 636 -5.25 -2.97 2.47
N LEU A 637 -4.63 -2.16 1.62
CA LEU A 637 -5.00 -1.99 0.20
C LEU A 637 -4.19 -2.96 -0.68
N GLY A 638 -3.42 -3.87 -0.07
CA GLY A 638 -2.71 -4.93 -0.79
C GLY A 638 -1.43 -4.43 -1.44
N VAL A 639 -0.85 -3.36 -0.91
CA VAL A 639 0.49 -2.87 -1.33
C VAL A 639 1.42 -2.92 -0.12
N PRO A 640 1.75 -4.14 0.35
CA PRO A 640 2.57 -4.31 1.55
C PRO A 640 3.99 -3.76 1.36
N LEU A 641 4.50 -3.76 0.13
CA LEU A 641 5.86 -3.24 -0.14
C LEU A 641 5.77 -1.71 -0.23
N VAL A 642 5.77 -1.06 0.94
CA VAL A 642 5.52 0.40 1.07
C VAL A 642 6.44 0.95 2.16
N GLY A 643 6.87 2.18 1.97
CA GLY A 643 7.65 2.92 2.95
C GLY A 643 7.61 4.39 2.65
N ALA A 644 8.14 5.18 3.59
CA ALA A 644 8.41 6.62 3.42
C ALA A 644 9.93 6.81 3.29
N ASP A 645 10.36 7.88 2.65
CA ASP A 645 11.77 8.26 2.60
C ASP A 645 12.28 8.36 4.04
N VAL A 646 13.17 7.45 4.48
CA VAL A 646 13.72 7.48 5.87
C VAL A 646 14.51 8.78 6.11
N CYS A 647 14.16 9.46 7.22
CA CYS A 647 14.66 10.78 7.70
C CYS A 647 14.02 11.94 6.91
N GLY A 648 13.10 11.63 5.99
CA GLY A 648 12.34 12.63 5.21
C GLY A 648 13.07 13.06 3.96
N PHE A 649 12.30 13.51 2.98
CA PHE A 649 12.81 13.93 1.65
C PHE A 649 13.04 15.45 1.64
N LEU A 650 11.98 16.25 1.82
CA LEU A 650 12.04 17.74 1.71
C LEU A 650 12.73 18.33 2.95
N GLY A 651 13.56 19.35 2.73
CA GLY A 651 14.18 20.13 3.80
C GLY A 651 15.38 19.39 4.37
N ASN A 652 15.76 19.77 5.59
CA ASN A 652 16.94 19.24 6.29
C ASN A 652 16.48 18.44 7.48
N THR A 653 16.89 17.18 7.59
CA THR A 653 16.61 16.34 8.77
C THR A 653 17.47 16.86 9.92
N SER A 654 17.15 16.47 11.15
CA SER A 654 17.98 16.70 12.35
C SER A 654 18.60 15.36 12.72
N GLU A 655 19.67 15.36 13.50
CA GLU A 655 20.26 14.09 13.96
C GLU A 655 19.22 13.31 14.76
N GLU A 656 18.51 13.95 15.68
CA GLU A 656 17.52 13.22 16.52
C GLU A 656 16.40 12.64 15.64
N LEU A 657 15.90 13.42 14.68
CA LEU A 657 14.76 12.99 13.83
C LEU A 657 15.18 11.75 13.02
N CYS A 658 16.39 11.79 12.47
CA CYS A 658 16.95 10.75 11.58
C CYS A 658 17.22 9.49 12.39
N VAL A 659 17.61 9.63 13.67
CA VAL A 659 17.73 8.45 14.57
C VAL A 659 16.35 7.82 14.72
N ARG A 660 15.35 8.61 15.10
CA ARG A 660 13.99 8.08 15.40
C ARG A 660 13.40 7.52 14.09
N TRP A 661 13.66 8.20 12.97
CA TRP A 661 13.08 7.85 11.65
C TRP A 661 13.75 6.56 11.15
N THR A 662 15.05 6.41 11.39
CA THR A 662 15.78 5.16 11.05
C THR A 662 15.23 4.02 11.90
N GLN A 663 14.94 4.27 13.18
CA GLN A 663 14.41 3.23 14.11
C GLN A 663 13.06 2.77 13.62
N LEU A 664 12.15 3.69 13.31
CA LEU A 664 10.80 3.31 12.85
C LEU A 664 10.90 2.77 11.40
N GLY A 665 11.64 3.45 10.53
CA GLY A 665 11.79 3.13 9.10
C GLY A 665 12.31 1.72 8.89
N ALA A 666 13.11 1.21 9.82
CA ALA A 666 13.62 -0.17 9.80
C ALA A 666 12.47 -1.17 9.89
N PHE A 667 11.26 -0.74 10.27
CA PHE A 667 10.02 -1.59 10.29
C PHE A 667 9.05 -1.21 9.14
N TYR A 668 9.48 -0.37 8.22
CA TYR A 668 8.80 -0.21 6.90
C TYR A 668 9.09 -1.46 6.08
N PRO A 669 8.07 -2.14 5.51
CA PRO A 669 8.35 -3.29 4.66
C PRO A 669 9.31 -2.92 3.53
N PHE A 670 9.23 -1.68 3.04
CA PHE A 670 10.20 -1.12 2.05
C PHE A 670 10.99 0.00 2.71
N MET A 671 12.28 -0.23 2.92
CA MET A 671 13.13 0.70 3.68
C MET A 671 14.16 1.37 2.77
N ARG A 672 13.92 2.62 2.42
CA ARG A 672 14.86 3.44 1.64
C ARG A 672 15.03 4.78 2.33
N ASN A 673 16.27 5.19 2.51
CA ASN A 673 16.62 6.59 2.83
C ASN A 673 16.83 7.32 1.51
N HIS A 674 16.09 8.41 1.29
CA HIS A 674 16.15 9.24 0.07
C HIS A 674 16.06 10.70 0.50
N ASN A 675 16.68 11.59 -0.26
CA ASN A 675 17.00 12.97 0.16
C ASN A 675 16.96 13.88 -1.07
N SER A 676 16.53 15.14 -0.89
CA SER A 676 16.37 16.10 -2.01
C SER A 676 17.71 16.75 -2.35
N LEU A 677 17.74 17.45 -3.48
CA LEU A 677 18.96 17.98 -4.10
C LEU A 677 19.65 19.00 -3.18
N LEU A 678 18.90 19.90 -2.55
CA LEU A 678 19.52 21.02 -1.79
C LEU A 678 19.60 20.70 -0.30
N SER A 679 19.33 19.46 0.10
CA SER A 679 19.29 19.04 1.51
C SER A 679 20.70 18.69 2.01
N LEU A 680 20.91 18.83 3.32
CA LEU A 680 22.10 18.31 4.02
C LEU A 680 22.12 16.79 3.90
N PRO A 681 23.33 16.19 3.86
CA PRO A 681 23.46 14.74 3.77
C PRO A 681 22.77 14.06 4.96
N GLN A 682 22.15 12.91 4.74
CA GLN A 682 21.42 12.16 5.78
C GLN A 682 21.71 10.65 5.64
N GLU A 683 22.82 10.28 5.02
CA GLU A 683 23.28 8.87 5.05
C GLU A 683 23.67 8.54 6.50
N PRO A 684 23.46 7.29 6.96
CA PRO A 684 23.79 6.91 8.33
C PRO A 684 25.22 7.29 8.80
N TYR A 685 26.20 7.29 7.88
CA TYR A 685 27.64 7.50 8.18
C TYR A 685 27.93 9.00 8.32
N SER A 686 26.96 9.86 8.00
CA SER A 686 27.11 11.33 7.99
C SER A 686 26.80 11.92 9.38
N PHE A 687 26.46 11.11 10.37
CA PHE A 687 26.00 11.56 11.69
C PHE A 687 27.07 11.28 12.74
N SER A 688 26.86 11.77 13.95
CA SER A 688 27.79 11.57 15.09
C SER A 688 27.85 10.08 15.45
N GLU A 689 28.86 9.72 16.25
CA GLU A 689 29.18 8.32 16.61
C GLU A 689 27.97 7.67 17.31
N PRO A 690 27.37 8.33 18.32
CA PRO A 690 26.25 7.74 19.04
C PRO A 690 25.01 7.57 18.13
N ALA A 691 24.84 8.49 17.18
CA ALA A 691 23.74 8.45 16.20
C ALA A 691 23.96 7.28 15.24
N GLN A 692 25.17 7.16 14.70
CA GLN A 692 25.58 6.01 13.83
C GLN A 692 25.30 4.70 14.57
N GLN A 693 25.69 4.63 15.84
CA GLN A 693 25.48 3.41 16.66
C GLN A 693 23.99 3.07 16.67
N ALA A 694 23.11 4.04 16.90
CA ALA A 694 21.67 3.79 16.96
C ALA A 694 21.16 3.33 15.59
N MET A 695 21.64 3.95 14.51
CA MET A 695 21.21 3.64 13.13
C MET A 695 21.75 2.25 12.70
N ARG A 696 22.99 1.93 13.08
CA ARG A 696 23.60 0.58 12.82
C ARG A 696 22.79 -0.48 13.54
N LYS A 697 22.38 -0.22 14.78
CA LYS A 697 21.57 -1.17 15.58
C LYS A 697 20.21 -1.39 14.89
N ALA A 698 19.55 -0.34 14.44
CA ALA A 698 18.24 -0.45 13.74
C ALA A 698 18.40 -1.33 12.48
N LEU A 699 19.45 -1.10 11.69
CA LEU A 699 19.70 -1.83 10.43
C LEU A 699 20.05 -3.29 10.73
N THR A 700 20.86 -3.54 11.75
CA THR A 700 21.28 -4.90 12.21
C THR A 700 20.03 -5.70 12.56
N LEU A 701 19.12 -5.12 13.33
CA LEU A 701 17.90 -5.84 13.80
C LEU A 701 17.01 -6.17 12.59
N ARG A 702 16.87 -5.23 11.65
CA ARG A 702 16.09 -5.49 10.42
C ARG A 702 16.69 -6.70 9.69
N TYR A 703 18.00 -6.71 9.48
CA TYR A 703 18.70 -7.78 8.72
C TYR A 703 18.48 -9.11 9.43
N ALA A 704 18.58 -9.14 10.76
CA ALA A 704 18.37 -10.37 11.56
C ALA A 704 16.95 -10.92 11.32
N LEU A 705 15.97 -10.03 11.10
CA LEU A 705 14.53 -10.39 11.02
C LEU A 705 14.13 -10.73 9.59
N LEU A 706 15.02 -10.55 8.60
CA LEU A 706 14.68 -10.67 7.16
C LEU A 706 14.03 -12.02 6.85
N PRO A 707 14.48 -13.17 7.42
CA PRO A 707 13.81 -14.45 7.14
C PRO A 707 12.33 -14.40 7.54
N HIS A 708 12.04 -13.75 8.66
CA HIS A 708 10.67 -13.50 9.17
C HIS A 708 9.91 -12.56 8.21
N LEU A 709 10.46 -11.41 7.90
CA LEU A 709 9.82 -10.43 6.99
C LEU A 709 9.56 -11.11 5.64
N TYR A 710 10.51 -11.91 5.15
CA TYR A 710 10.37 -12.61 3.86
C TYR A 710 9.19 -13.58 3.94
N THR A 711 9.04 -14.25 5.10
CA THR A 711 7.94 -15.23 5.30
C THR A 711 6.61 -14.46 5.31
N LEU A 712 6.59 -13.25 5.86
CA LEU A 712 5.36 -12.42 5.92
C LEU A 712 4.95 -12.03 4.50
N PHE A 713 5.91 -11.68 3.65
CA PHE A 713 5.64 -11.36 2.24
C PHE A 713 5.14 -12.62 1.51
N HIS A 714 5.67 -13.79 1.86
CA HIS A 714 5.15 -15.08 1.32
C HIS A 714 3.66 -15.22 1.67
N GLN A 715 3.27 -14.93 2.90
CA GLN A 715 1.86 -14.99 3.36
C GLN A 715 1.02 -13.93 2.62
N ALA A 716 1.58 -12.74 2.38
CA ALA A 716 0.86 -11.70 1.62
C ALA A 716 0.60 -12.25 0.21
N HIS A 717 1.63 -12.81 -0.42
CA HIS A 717 1.62 -13.28 -1.84
C HIS A 717 0.67 -14.48 -2.03
N VAL A 718 0.57 -15.43 -1.07
CA VAL A 718 -0.24 -16.66 -1.28
C VAL A 718 -1.62 -16.55 -0.61
N ALA A 719 -1.79 -15.74 0.43
CA ALA A 719 -3.03 -15.76 1.25
C ALA A 719 -3.64 -14.37 1.38
N GLY A 720 -3.07 -13.36 0.72
CA GLY A 720 -3.56 -11.98 0.77
C GLY A 720 -3.50 -11.40 2.18
N GLU A 721 -2.51 -11.80 2.97
CA GLU A 721 -2.29 -11.25 4.31
C GLU A 721 -1.62 -9.89 4.18
N THR A 722 -1.70 -9.07 5.23
CA THR A 722 -0.91 -7.84 5.39
C THR A 722 0.47 -8.19 5.97
N VAL A 723 1.47 -7.32 5.77
CA VAL A 723 2.83 -7.49 6.34
C VAL A 723 2.92 -6.59 7.59
N ALA A 724 2.90 -5.26 7.40
CA ALA A 724 2.68 -4.26 8.48
C ALA A 724 1.18 -4.12 8.70
N ARG A 725 0.69 -4.39 9.90
CA ARG A 725 -0.77 -4.34 10.18
C ARG A 725 -1.05 -3.56 11.45
N PRO A 726 -2.19 -2.83 11.48
CA PRO A 726 -2.62 -2.12 12.68
C PRO A 726 -3.08 -3.14 13.73
N LEU A 727 -3.03 -2.74 14.99
CA LEU A 727 -3.45 -3.61 16.13
C LEU A 727 -4.88 -4.11 15.90
N PHE A 728 -5.74 -3.29 15.29
CA PHE A 728 -7.19 -3.63 15.16
C PHE A 728 -7.36 -4.75 14.14
N LEU A 729 -6.40 -4.98 13.24
CA LEU A 729 -6.51 -6.12 12.29
C LEU A 729 -6.23 -7.43 13.04
N GLU A 730 -5.39 -7.39 14.07
CA GLU A 730 -4.94 -8.58 14.80
C GLU A 730 -5.84 -8.82 16.03
N PHE A 731 -6.34 -7.76 16.67
CA PHE A 731 -7.20 -7.82 17.89
C PHE A 731 -8.50 -7.03 17.68
N PRO A 732 -9.32 -7.35 16.65
CA PRO A 732 -10.50 -6.55 16.33
C PRO A 732 -11.56 -6.55 17.44
N LYS A 733 -11.61 -7.61 18.27
CA LYS A 733 -12.61 -7.76 19.37
C LYS A 733 -12.19 -6.92 20.57
N ASP A 734 -10.99 -6.34 20.57
CA ASP A 734 -10.58 -5.35 21.58
C ASP A 734 -10.73 -3.96 20.95
N SER A 735 -11.74 -3.22 21.39
CA SER A 735 -12.21 -2.00 20.71
C SER A 735 -11.26 -0.85 21.05
N SER A 736 -10.44 -1.01 22.08
CA SER A 736 -9.36 -0.03 22.41
C SER A 736 -8.30 0.01 21.29
N THR A 737 -8.19 -1.01 20.45
CA THR A 737 -7.19 -1.02 19.35
C THR A 737 -7.67 -0.16 18.19
N TRP A 738 -8.98 0.11 18.08
CA TRP A 738 -9.61 0.64 16.85
C TRP A 738 -8.97 1.96 16.38
N THR A 739 -8.57 2.82 17.31
CA THR A 739 -8.01 4.17 17.01
C THR A 739 -6.48 4.15 17.08
N VAL A 740 -5.84 3.03 17.40
CA VAL A 740 -4.36 2.99 17.52
C VAL A 740 -3.77 3.01 16.10
N ASP A 741 -2.96 4.02 15.77
CA ASP A 741 -2.25 4.03 14.47
C ASP A 741 -0.83 4.61 14.61
N HIS A 742 -0.28 4.68 15.83
CA HIS A 742 1.12 5.14 16.06
C HIS A 742 1.96 3.96 16.58
N GLN A 743 1.34 2.79 16.60
CA GLN A 743 2.04 1.49 16.72
C GLN A 743 1.70 0.66 15.49
N LEU A 744 2.55 -0.31 15.17
CA LEU A 744 2.31 -1.29 14.09
C LEU A 744 2.77 -2.67 14.55
N LEU A 745 2.12 -3.70 14.01
CA LEU A 745 2.61 -5.09 14.07
C LEU A 745 3.29 -5.42 12.75
N TRP A 746 4.34 -6.24 12.82
CA TRP A 746 4.75 -7.15 11.73
C TRP A 746 4.04 -8.48 11.95
N GLY A 747 3.15 -8.84 11.03
CA GLY A 747 2.29 -10.02 11.13
C GLY A 747 1.53 -10.04 12.45
N GLU A 748 1.40 -11.22 13.05
CA GLU A 748 0.61 -11.47 14.27
C GLU A 748 1.43 -11.11 15.53
N ALA A 749 2.76 -11.13 15.48
CA ALA A 749 3.63 -11.46 16.65
C ALA A 749 4.47 -10.27 17.14
N LEU A 750 4.92 -9.37 16.26
CA LEU A 750 5.94 -8.32 16.61
C LEU A 750 5.24 -6.97 16.73
N LEU A 751 5.27 -6.40 17.94
CA LEU A 751 4.65 -5.10 18.25
C LEU A 751 5.73 -4.03 18.36
N ILE A 752 5.70 -3.08 17.44
CA ILE A 752 6.66 -1.95 17.36
C ILE A 752 5.97 -0.69 17.88
N THR A 753 6.55 -0.07 18.92
CA THR A 753 6.03 1.14 19.61
C THR A 753 7.07 2.24 19.52
N PRO A 754 7.14 2.97 18.39
CA PRO A 754 8.21 3.95 18.17
C PRO A 754 8.00 5.26 18.94
N VAL A 755 9.09 5.95 19.23
CA VAL A 755 9.04 7.39 19.64
C VAL A 755 8.89 8.21 18.36
N LEU A 756 7.91 9.11 18.32
CA LEU A 756 7.57 9.92 17.12
C LEU A 756 7.64 11.41 17.44
N GLN A 757 8.29 11.79 18.55
CA GLN A 757 8.34 13.21 19.01
C GLN A 757 9.75 13.55 19.49
N ALA A 758 10.19 14.77 19.22
CA ALA A 758 11.48 15.31 19.68
C ALA A 758 11.51 15.33 21.22
N GLY A 759 12.67 15.04 21.81
CA GLY A 759 12.97 15.23 23.24
C GLY A 759 12.33 14.18 24.14
N LYS A 760 11.79 13.09 23.59
CA LYS A 760 11.15 12.03 24.41
C LYS A 760 12.15 10.91 24.71
N ALA A 761 12.13 10.40 25.94
CA ALA A 761 12.94 9.26 26.42
C ALA A 761 12.01 8.17 26.96
N GLU A 762 10.72 8.28 26.65
CA GLU A 762 9.71 7.22 26.88
C GLU A 762 8.61 7.36 25.83
N VAL A 763 7.70 6.39 25.79
CA VAL A 763 6.55 6.38 24.87
C VAL A 763 5.47 5.53 25.49
N THR A 764 4.21 5.88 25.28
CA THR A 764 3.10 5.09 25.83
C THR A 764 2.41 4.40 24.67
N GLY A 765 2.26 3.08 24.75
CA GLY A 765 1.64 2.27 23.69
C GLY A 765 0.61 1.34 24.25
N TYR A 766 -0.30 0.89 23.40
CA TYR A 766 -1.36 -0.05 23.81
C TYR A 766 -0.85 -1.47 23.61
N PHE A 767 -1.16 -2.32 24.59
CA PHE A 767 -0.72 -3.71 24.69
C PHE A 767 -1.97 -4.57 24.83
N PRO A 768 -2.43 -5.22 23.73
CA PRO A 768 -3.53 -6.15 23.80
C PRO A 768 -3.30 -7.20 24.90
N LEU A 769 -4.39 -7.72 25.44
CA LEU A 769 -4.39 -8.83 26.43
C LEU A 769 -3.35 -9.88 26.00
N GLY A 770 -2.41 -10.17 26.89
CA GLY A 770 -1.42 -11.23 26.71
C GLY A 770 -0.07 -10.84 27.26
N THR A 771 0.91 -11.73 27.12
CA THR A 771 2.31 -11.49 27.52
C THR A 771 3.07 -11.01 26.29
N TRP A 772 3.82 -9.93 26.45
CA TRP A 772 4.68 -9.31 25.41
C TRP A 772 6.11 -9.24 25.95
N TYR A 773 7.00 -10.07 25.40
CA TYR A 773 8.43 -10.11 25.80
C TYR A 773 9.19 -9.02 25.05
N ASP A 774 9.99 -8.25 25.76
CA ASP A 774 10.91 -7.23 25.20
C ASP A 774 11.93 -7.95 24.30
N LEU A 775 11.97 -7.61 23.01
CA LEU A 775 12.85 -8.31 22.03
C LEU A 775 14.31 -8.10 22.42
N GLN A 776 14.62 -7.09 23.24
CA GLN A 776 16.01 -6.82 23.72
C GLN A 776 16.54 -7.99 24.55
N THR A 777 15.67 -8.86 25.09
CA THR A 777 16.08 -10.04 25.89
C THR A 777 16.53 -11.19 24.98
N VAL A 778 16.48 -11.01 23.66
CA VAL A 778 16.95 -12.03 22.67
C VAL A 778 18.32 -11.59 22.17
N PRO A 779 19.42 -12.28 22.54
CA PRO A 779 20.75 -11.89 22.05
C PRO A 779 20.82 -11.96 20.52
N ILE A 780 21.42 -10.95 19.87
CA ILE A 780 21.49 -10.86 18.38
C ILE A 780 22.90 -10.42 17.95
N ARG A 794 12.88 -1.09 32.76
CA ARG A 794 12.70 -1.99 31.56
C ARG A 794 12.36 -3.42 32.00
N GLU A 795 11.14 -3.85 31.71
CA GLU A 795 10.61 -5.20 32.03
C GLU A 795 11.05 -6.18 30.96
N PRO A 796 11.48 -7.41 31.34
CA PRO A 796 11.65 -8.48 30.37
C PRO A 796 10.33 -8.88 29.68
N ALA A 797 9.20 -8.75 30.38
CA ALA A 797 7.88 -9.20 29.89
C ALA A 797 6.77 -8.25 30.37
N ILE A 798 5.93 -7.77 29.45
CA ILE A 798 4.72 -6.99 29.82
C ILE A 798 3.53 -7.95 29.83
N HIS A 799 3.01 -8.23 31.02
CA HIS A 799 1.77 -9.04 31.23
C HIS A 799 0.58 -8.08 31.19
N SER A 800 -0.04 -7.94 30.03
CA SER A 800 -1.09 -6.91 29.76
C SER A 800 -2.47 -7.52 29.98
N GLU A 801 -3.38 -6.72 30.54
CA GLU A 801 -4.82 -7.04 30.64
C GLU A 801 -5.54 -6.46 29.41
N GLY A 802 -4.80 -5.81 28.51
CA GLY A 802 -5.37 -4.91 27.49
C GLY A 802 -5.38 -3.48 27.99
N GLN A 803 -4.25 -2.79 27.90
CA GLN A 803 -4.02 -1.52 28.62
C GLN A 803 -2.89 -0.75 27.95
N TRP A 804 -2.80 0.54 28.26
CA TRP A 804 -1.69 1.44 27.89
C TRP A 804 -0.56 1.26 28.90
N VAL A 805 0.67 1.27 28.41
CA VAL A 805 1.89 1.00 29.21
C VAL A 805 2.94 2.02 28.78
N THR A 806 3.52 2.73 29.72
CA THR A 806 4.65 3.65 29.47
C THR A 806 5.92 2.81 29.51
N LEU A 807 6.69 2.85 28.42
CA LEU A 807 7.96 2.10 28.25
C LEU A 807 9.09 3.13 28.24
N PRO A 808 10.27 2.84 28.84
CA PRO A 808 11.43 3.70 28.64
C PRO A 808 11.86 3.58 27.17
N ALA A 809 12.35 4.67 26.61
CA ALA A 809 12.71 4.76 25.19
C ALA A 809 13.72 5.87 25.01
N PRO A 810 14.96 5.70 25.53
CA PRO A 810 16.02 6.66 25.29
C PRO A 810 16.28 6.73 23.77
N LEU A 811 17.10 7.68 23.34
CA LEU A 811 17.31 8.03 21.92
C LEU A 811 17.87 6.83 21.15
N ASP A 812 18.53 5.89 21.84
CA ASP A 812 19.23 4.75 21.21
C ASP A 812 18.32 3.52 21.15
N THR A 813 17.04 3.66 21.51
CA THR A 813 16.08 2.53 21.69
C THR A 813 14.82 2.73 20.85
N ILE A 814 14.31 1.64 20.28
CA ILE A 814 12.90 1.50 19.81
C ILE A 814 12.32 0.25 20.45
N ASN A 815 11.14 0.40 21.03
CA ASN A 815 10.42 -0.70 21.71
C ASN A 815 9.89 -1.68 20.67
N VAL A 816 10.35 -2.92 20.77
CA VAL A 816 9.84 -4.05 19.99
C VAL A 816 9.52 -5.19 20.95
N HIS A 817 8.31 -5.72 20.88
CA HIS A 817 7.83 -6.82 21.76
C HIS A 817 7.36 -8.00 20.93
N LEU A 818 7.66 -9.20 21.38
CA LEU A 818 7.26 -10.46 20.73
C LEU A 818 6.13 -11.08 21.56
N ARG A 819 5.03 -11.36 20.89
CA ARG A 819 3.79 -11.91 21.47
C ARG A 819 4.03 -13.34 21.93
N ALA A 820 3.63 -13.65 23.16
CA ALA A 820 3.65 -15.02 23.70
C ALA A 820 2.81 -15.90 22.78
N GLY A 821 3.32 -17.08 22.44
CA GLY A 821 2.63 -18.05 21.56
C GLY A 821 3.26 -18.09 20.19
N TYR A 822 4.31 -17.30 19.96
CA TYR A 822 4.90 -17.15 18.62
C TYR A 822 6.39 -17.50 18.61
N ILE A 823 6.81 -18.10 17.50
CA ILE A 823 8.23 -18.41 17.16
C ILE A 823 8.59 -17.62 15.89
N ILE A 824 9.70 -16.90 15.96
CA ILE A 824 10.24 -16.02 14.88
C ILE A 824 11.59 -16.58 14.42
N PRO A 825 11.80 -16.77 13.11
CA PRO A 825 13.11 -17.13 12.60
C PRO A 825 13.97 -15.89 12.34
N LEU A 826 15.25 -16.00 12.65
CA LEU A 826 16.28 -14.95 12.49
C LEU A 826 17.46 -15.56 11.75
N GLN A 827 18.31 -14.70 11.21
CA GLN A 827 19.54 -15.11 10.51
C GLN A 827 20.63 -14.10 10.85
N GLY A 828 21.87 -14.57 10.85
CA GLY A 828 23.03 -13.82 11.29
C GLY A 828 23.30 -12.64 10.38
N PRO A 829 24.29 -11.81 10.76
CA PRO A 829 24.45 -10.48 10.17
C PRO A 829 25.15 -10.53 8.82
N GLY A 830 25.02 -9.44 8.07
CA GLY A 830 25.77 -9.19 6.83
C GLY A 830 25.58 -7.75 6.41
N LEU A 831 26.51 -7.23 5.61
CA LEU A 831 26.38 -5.88 5.00
C LEU A 831 25.48 -5.95 3.78
N THR A 832 25.20 -7.16 3.26
CA THR A 832 24.20 -7.40 2.19
C THR A 832 23.45 -8.70 2.50
N THR A 833 22.33 -8.93 1.84
CA THR A 833 21.56 -10.19 1.93
C THR A 833 22.32 -11.31 1.23
N THR A 834 23.18 -10.96 0.26
CA THR A 834 24.07 -11.94 -0.41
C THR A 834 24.89 -12.59 0.71
N GLU A 835 25.38 -11.79 1.63
CA GLU A 835 26.20 -12.24 2.78
C GLU A 835 25.28 -12.85 3.85
N SER A 836 24.17 -12.18 4.20
CA SER A 836 23.30 -12.57 5.35
C SER A 836 22.65 -13.94 5.09
N ARG A 837 22.27 -14.20 3.84
CA ARG A 837 21.54 -15.45 3.46
C ARG A 837 22.44 -16.68 3.64
N GLN A 838 23.76 -16.50 3.77
CA GLN A 838 24.72 -17.62 3.98
C GLN A 838 24.97 -17.85 5.47
N GLN A 839 24.36 -17.07 6.37
CA GLN A 839 24.69 -17.13 7.81
C GLN A 839 23.82 -18.18 8.50
N PRO A 840 24.28 -18.68 9.66
CA PRO A 840 23.45 -19.54 10.50
C PRO A 840 22.20 -18.77 10.92
N MET A 841 21.17 -19.52 11.26
CA MET A 841 19.87 -19.01 11.70
C MET A 841 19.67 -19.30 13.18
N ALA A 842 18.65 -18.68 13.75
CA ALA A 842 18.25 -18.76 15.17
C ALA A 842 16.74 -18.81 15.22
N LEU A 843 16.18 -19.33 16.30
CA LEU A 843 14.74 -19.22 16.63
C LEU A 843 14.61 -18.38 17.91
N ALA A 844 13.62 -17.48 17.95
CA ALA A 844 13.16 -16.79 19.16
C ALA A 844 11.78 -17.34 19.49
N VAL A 845 11.65 -18.00 20.63
CA VAL A 845 10.47 -18.84 20.97
C VAL A 845 9.81 -18.21 22.19
N ALA A 846 8.70 -17.49 21.96
CA ALA A 846 7.99 -16.73 23.00
C ALA A 846 6.88 -17.60 23.56
N LEU A 847 7.10 -18.22 24.73
CA LEU A 847 6.16 -19.22 25.31
C LEU A 847 4.94 -18.52 25.90
N THR A 848 3.76 -19.08 25.69
CA THR A 848 2.57 -18.76 26.52
C THR A 848 2.88 -19.23 27.94
N LYS A 849 2.17 -18.71 28.93
CA LYS A 849 2.29 -19.14 30.33
C LYS A 849 2.21 -20.67 30.35
N GLY A 850 1.35 -21.25 29.51
CA GLY A 850 1.13 -22.71 29.37
C GLY A 850 2.22 -23.42 28.56
N GLY A 851 3.30 -22.73 28.17
CA GLY A 851 4.49 -23.32 27.52
C GLY A 851 4.27 -23.70 26.05
N GLU A 852 3.44 -22.95 25.32
CA GLU A 852 3.16 -23.24 23.89
C GLU A 852 3.62 -22.08 23.01
N ALA A 853 4.02 -22.38 21.78
CA ALA A 853 4.36 -21.38 20.75
C ALA A 853 4.40 -22.03 19.38
N ARG A 854 4.18 -21.23 18.34
CA ARG A 854 4.09 -21.69 16.93
C ARG A 854 4.71 -20.63 16.03
N GLY A 855 5.35 -21.06 14.97
CA GLY A 855 5.99 -20.14 14.01
C GLY A 855 6.29 -20.85 12.73
N GLU A 856 6.85 -20.14 11.75
CA GLU A 856 7.06 -20.74 10.42
C GLU A 856 8.22 -20.03 9.72
N LEU A 857 8.75 -20.71 8.73
CA LEU A 857 9.79 -20.20 7.83
C LEU A 857 9.43 -20.60 6.41
N PHE A 858 9.48 -19.65 5.50
CA PHE A 858 9.45 -19.89 4.04
C PHE A 858 10.82 -19.52 3.47
N TRP A 859 11.38 -20.40 2.64
CA TRP A 859 12.72 -20.17 2.04
C TRP A 859 12.75 -20.59 0.58
N ASP A 860 13.38 -19.80 -0.26
CA ASP A 860 13.59 -20.14 -1.69
C ASP A 860 14.86 -19.43 -2.11
N ASP A 861 15.14 -19.37 -3.42
CA ASP A 861 16.44 -18.82 -3.90
C ASP A 861 16.42 -17.30 -3.78
N GLY A 862 15.27 -16.71 -3.46
CA GLY A 862 15.20 -15.27 -3.19
C GLY A 862 14.95 -14.42 -4.43
N GLU A 863 14.88 -14.96 -5.66
CA GLU A 863 14.63 -14.08 -6.85
C GLU A 863 14.02 -14.77 -8.08
N SER A 864 13.95 -16.11 -8.14
CA SER A 864 13.45 -16.81 -9.35
C SER A 864 11.95 -16.56 -9.50
N LEU A 865 11.46 -16.65 -10.73
CA LEU A 865 10.01 -16.63 -11.04
C LEU A 865 9.40 -18.01 -10.85
N GLU A 866 8.10 -18.06 -10.56
CA GLU A 866 7.27 -19.29 -10.56
C GLU A 866 7.79 -20.29 -9.51
N VAL A 867 8.28 -19.81 -8.38
CA VAL A 867 8.82 -20.68 -7.30
C VAL A 867 7.71 -21.60 -6.77
N LEU A 868 6.55 -21.05 -6.45
CA LEU A 868 5.42 -21.81 -5.85
C LEU A 868 4.89 -22.85 -6.86
N GLU A 869 4.63 -22.43 -8.10
CA GLU A 869 4.22 -23.35 -9.20
C GLU A 869 5.20 -24.53 -9.29
N ARG A 870 6.51 -24.25 -9.32
CA ARG A 870 7.57 -25.27 -9.54
C ARG A 870 7.95 -25.99 -8.23
N GLY A 871 7.38 -25.58 -7.09
CA GLY A 871 7.65 -26.19 -5.78
C GLY A 871 9.08 -25.99 -5.31
N ALA A 872 9.77 -24.95 -5.80
CA ALA A 872 11.23 -24.73 -5.57
C ALA A 872 11.43 -23.91 -4.29
N TYR A 873 10.90 -24.41 -3.18
CA TYR A 873 10.94 -23.72 -1.87
C TYR A 873 10.87 -24.75 -0.74
N THR A 874 11.19 -24.27 0.45
CA THR A 874 11.16 -25.02 1.72
C THR A 874 10.18 -24.31 2.65
N GLN A 875 9.28 -25.05 3.27
CA GLN A 875 8.38 -24.48 4.29
C GLN A 875 8.46 -25.34 5.54
N VAL A 876 8.76 -24.70 6.66
CA VAL A 876 9.00 -25.37 7.96
C VAL A 876 8.12 -24.69 9.00
N ILE A 877 7.44 -25.49 9.82
CA ILE A 877 6.64 -25.00 10.97
C ILE A 877 7.40 -25.36 12.25
N PHE A 878 7.45 -24.45 13.21
CA PHE A 878 8.05 -24.67 14.54
C PHE A 878 6.93 -24.72 15.58
N LEU A 879 7.06 -25.67 16.52
CA LEU A 879 6.07 -25.93 17.59
C LEU A 879 6.81 -26.11 18.90
N ALA A 880 6.45 -25.33 19.90
CA ALA A 880 6.88 -25.51 21.30
C ALA A 880 5.68 -26.00 22.10
N ARG A 881 5.91 -26.99 22.96
CA ARG A 881 4.91 -27.51 23.92
C ARG A 881 5.64 -28.37 24.96
N ASN A 882 5.21 -28.29 26.23
CA ASN A 882 5.64 -29.19 27.33
C ASN A 882 7.18 -29.31 27.33
N ASN A 883 7.88 -28.17 27.33
CA ASN A 883 9.35 -28.04 27.42
C ASN A 883 10.05 -28.71 26.22
N THR A 884 9.38 -28.79 25.07
CA THR A 884 9.99 -29.27 23.81
C THR A 884 9.77 -28.22 22.70
N ILE A 885 10.66 -28.23 21.72
CA ILE A 885 10.57 -27.46 20.45
C ILE A 885 10.88 -28.43 19.32
N VAL A 886 9.95 -28.61 18.38
CA VAL A 886 10.14 -29.46 17.18
C VAL A 886 9.91 -28.61 15.92
N ASN A 887 10.41 -29.08 14.78
CA ASN A 887 10.04 -28.56 13.46
C ASN A 887 9.12 -29.58 12.81
N GLU A 888 8.14 -29.11 12.05
N GLU A 888 8.22 -29.12 11.97
CA GLU A 888 7.33 -29.93 11.12
CA GLU A 888 7.33 -29.97 11.13
C GLU A 888 7.77 -29.56 9.71
C GLU A 888 7.60 -29.59 9.67
N LEU A 889 8.11 -30.56 8.89
CA LEU A 889 8.58 -30.34 7.51
C LEU A 889 7.39 -30.33 6.57
N VAL A 890 6.91 -29.16 6.16
CA VAL A 890 5.81 -29.10 5.18
C VAL A 890 6.40 -29.38 3.80
N ARG A 891 7.52 -28.75 3.48
CA ARG A 891 8.21 -29.04 2.21
C ARG A 891 9.69 -28.78 2.39
N VAL A 892 10.53 -29.70 1.94
CA VAL A 892 12.01 -29.50 1.95
C VAL A 892 12.55 -29.80 0.56
N THR A 893 13.25 -28.82 0.00
CA THR A 893 13.91 -28.87 -1.32
C THR A 893 15.32 -28.32 -1.14
N SER A 894 16.13 -28.36 -2.20
CA SER A 894 17.57 -28.02 -2.18
C SER A 894 17.71 -26.59 -1.65
N GLU A 895 16.81 -25.71 -2.10
CA GLU A 895 16.66 -24.31 -1.61
C GLU A 895 16.05 -24.39 -0.20
N GLY A 896 16.90 -24.49 0.82
CA GLY A 896 16.51 -24.46 2.24
C GLY A 896 16.97 -25.67 3.04
N ALA A 897 17.25 -26.79 2.39
CA ALA A 897 17.57 -28.07 3.09
C ALA A 897 18.84 -27.88 3.96
N GLY A 898 19.81 -27.11 3.47
CA GLY A 898 21.11 -26.86 4.16
C GLY A 898 21.15 -25.61 5.04
N LEU A 899 20.01 -25.03 5.43
CA LEU A 899 19.98 -23.93 6.41
C LEU A 899 20.41 -24.44 7.79
N GLN A 900 21.42 -23.83 8.38
CA GLN A 900 21.99 -24.23 9.69
C GLN A 900 21.30 -23.44 10.81
N LEU A 901 20.65 -24.14 11.74
CA LEU A 901 20.11 -23.57 13.00
C LEU A 901 21.16 -23.75 14.10
N GLN A 902 21.69 -22.66 14.65
N GLN A 902 21.71 -22.65 14.63
CA GLN A 902 22.80 -22.71 15.65
CA GLN A 902 22.80 -22.68 15.64
C GLN A 902 22.38 -22.10 16.99
C GLN A 902 22.29 -22.23 17.02
N LYS A 903 21.19 -21.47 17.07
CA LYS A 903 20.73 -20.82 18.33
C LYS A 903 19.21 -20.90 18.47
N VAL A 904 18.76 -21.29 19.66
CA VAL A 904 17.32 -21.30 20.07
C VAL A 904 17.23 -20.55 21.39
N THR A 905 16.57 -19.40 21.37
CA THR A 905 16.29 -18.55 22.54
C THR A 905 14.82 -18.72 22.94
N VAL A 906 14.59 -19.17 24.16
CA VAL A 906 13.22 -19.41 24.71
C VAL A 906 12.93 -18.33 25.75
N LEU A 907 11.78 -17.65 25.60
CA LEU A 907 11.32 -16.56 26.50
C LEU A 907 10.18 -17.10 27.36
N GLY A 908 10.14 -16.69 28.63
CA GLY A 908 9.11 -17.14 29.59
C GLY A 908 9.40 -18.53 30.13
N VAL A 909 10.68 -18.88 30.30
CA VAL A 909 11.08 -20.13 31.01
C VAL A 909 11.16 -19.78 32.50
N ALA A 910 10.19 -20.27 33.28
CA ALA A 910 9.92 -19.86 34.68
C ALA A 910 11.00 -20.39 35.62
N THR A 911 11.41 -21.67 35.47
CA THR A 911 12.41 -22.34 36.36
C THR A 911 13.66 -22.76 35.57
N ALA A 912 14.85 -22.47 36.10
CA ALA A 912 16.16 -22.87 35.55
C ALA A 912 16.17 -24.37 35.24
N PRO A 913 16.54 -24.80 34.01
CA PRO A 913 16.57 -26.22 33.70
C PRO A 913 17.85 -26.87 34.26
N GLN A 914 17.74 -28.12 34.72
CA GLN A 914 18.89 -28.98 35.13
C GLN A 914 19.65 -29.38 33.87
N GLN A 915 18.94 -29.74 32.80
CA GLN A 915 19.59 -30.16 31.54
C GLN A 915 18.81 -29.65 30.33
N VAL A 916 19.54 -29.38 29.25
CA VAL A 916 19.02 -29.03 27.91
C VAL A 916 19.54 -30.07 26.92
N LEU A 917 18.63 -30.65 26.13
CA LEU A 917 18.93 -31.72 25.17
C LEU A 917 18.63 -31.24 23.75
N SER A 918 19.52 -31.54 22.80
CA SER A 918 19.27 -31.47 21.33
C SER A 918 19.25 -32.90 20.78
N ASN A 919 18.09 -33.37 20.35
CA ASN A 919 17.90 -34.74 19.78
C ASN A 919 18.34 -35.79 20.81
N GLY A 920 18.07 -35.56 22.09
CA GLY A 920 18.30 -36.54 23.17
C GLY A 920 19.69 -36.43 23.77
N VAL A 921 20.51 -35.53 23.27
CA VAL A 921 21.93 -35.37 23.69
C VAL A 921 22.09 -34.04 24.38
N PRO A 922 22.73 -33.98 25.58
CA PRO A 922 23.01 -32.70 26.21
C PRO A 922 23.67 -31.74 25.22
N VAL A 923 23.23 -30.49 25.21
CA VAL A 923 23.78 -29.46 24.27
C VAL A 923 25.17 -29.05 24.79
N SER A 924 26.05 -28.65 23.88
CA SER A 924 27.43 -28.20 24.18
C SER A 924 27.37 -27.04 25.19
N ASN A 925 26.41 -26.12 25.04
CA ASN A 925 26.34 -24.86 25.82
C ASN A 925 24.91 -24.29 25.85
N PHE A 926 24.50 -23.81 27.02
CA PHE A 926 23.24 -23.05 27.22
C PHE A 926 23.45 -22.09 28.39
N THR A 927 22.67 -21.01 28.43
CA THR A 927 22.63 -20.03 29.54
C THR A 927 21.16 -19.81 29.93
N TYR A 928 20.90 -19.69 31.23
CA TYR A 928 19.59 -19.31 31.80
C TYR A 928 19.77 -18.06 32.66
N SER A 929 18.96 -17.05 32.42
CA SER A 929 18.93 -15.81 33.23
C SER A 929 17.70 -15.85 34.12
N PRO A 930 17.89 -15.99 35.46
CA PRO A 930 16.76 -16.04 36.39
C PRO A 930 15.97 -14.72 36.39
N ASP A 931 16.64 -13.60 36.14
CA ASP A 931 16.04 -12.24 36.10
C ASP A 931 15.03 -12.15 34.95
N THR A 932 15.44 -12.48 33.71
CA THR A 932 14.67 -12.23 32.47
C THR A 932 13.87 -13.46 32.03
N LYS A 933 14.06 -14.61 32.68
CA LYS A 933 13.34 -15.89 32.36
C LYS A 933 13.71 -16.38 30.95
N VAL A 934 14.93 -16.08 30.50
CA VAL A 934 15.42 -16.38 29.13
C VAL A 934 16.36 -17.57 29.19
N LEU A 935 16.04 -18.62 28.44
CA LEU A 935 16.92 -19.80 28.21
C LEU A 935 17.51 -19.67 26.82
N ASP A 936 18.83 -19.50 26.72
CA ASP A 936 19.55 -19.33 25.43
C ASP A 936 20.36 -20.61 25.15
N ILE A 937 20.08 -21.30 24.05
CA ILE A 937 20.62 -22.65 23.75
C ILE A 937 21.43 -22.64 22.46
N VAL A 939 23.00 -24.91 19.44
CA VAL A 939 22.63 -26.18 18.81
C VAL A 939 23.38 -26.24 17.48
N SER A 940 23.37 -27.41 16.84
CA SER A 940 23.92 -27.63 15.49
C SER A 940 22.93 -28.48 14.72
N LEU A 941 21.90 -27.83 14.16
CA LEU A 941 20.75 -28.52 13.52
C LEU A 941 20.51 -27.92 12.15
N LEU A 942 19.77 -28.65 11.33
CA LEU A 942 19.37 -28.21 9.99
C LEU A 942 17.86 -27.95 10.02
N MET A 943 17.43 -26.83 9.43
CA MET A 943 16.01 -26.44 9.36
C MET A 943 15.21 -27.54 8.69
N GLY A 944 15.81 -28.26 7.73
CA GLY A 944 15.17 -29.26 6.85
C GLY A 944 15.29 -30.70 7.35
N GLU A 945 15.89 -30.91 8.54
CA GLU A 945 15.95 -32.26 9.17
C GLU A 945 15.17 -32.20 10.50
N GLN A 946 14.32 -33.19 10.77
CA GLN A 946 13.48 -33.22 11.98
C GLN A 946 14.40 -33.17 13.19
N PHE A 947 14.10 -32.27 14.13
CA PHE A 947 14.86 -32.12 15.39
C PHE A 947 13.85 -32.03 16.53
N LEU A 948 14.32 -32.28 17.74
CA LEU A 948 13.56 -32.15 19.01
C LEU A 948 14.50 -31.56 20.06
N VAL A 949 14.27 -30.32 20.47
CA VAL A 949 15.01 -29.66 21.58
C VAL A 949 14.12 -29.73 22.82
N SER A 950 14.69 -30.13 23.97
CA SER A 950 13.94 -30.32 25.24
C SER A 950 14.80 -29.87 26.41
N TRP A 951 14.15 -29.52 27.51
CA TRP A 951 14.79 -29.11 28.77
C TRP A 951 13.90 -29.58 29.93
N CYS A 952 14.48 -29.79 31.12
CA CYS A 952 13.76 -30.08 32.39
C CYS A 952 14.60 -29.59 33.56
#